data_9EZA
#
_entry.id   9EZA
#
_cell.length_a   58.008
_cell.length_b   163.559
_cell.length_c   269.466
_cell.angle_alpha   90
_cell.angle_beta   90
_cell.angle_gamma   90
#
_symmetry.space_group_name_H-M   'C 2 2 21'
#
loop_
_entity.id
_entity.type
_entity.pdbx_description
1 polymer 'Nemolizumab scFv'
2 polymer 'Interleukin-31 receptor subunit alpha'
3 branched 2-acetamido-2-deoxy-beta-D-glucopyranose-(1-4)-2-acetamido-2-deoxy-beta-D-glucopyranose
4 non-polymer 2-acetamido-2-deoxy-beta-D-glucopyranose
5 non-polymer 'BES buffer'
6 water water
#
loop_
_entity_poly.entity_id
_entity_poly.type
_entity_poly.pdbx_seq_one_letter_code
_entity_poly.pdbx_strand_id
1 'polypeptide(L)'
;MGSHHHHHHSSGDEVDGQVQLVQSGAEVKKPGASVKVSCKASGYTFTGYIMNWVRQAPGQGLEWMGLINPYNGGTDYNPQ
FQDRVTITADKSTSTAYMELSSLRSEDTAVYYCARDGYDDGPYTLETWGQGTLVTVSSGGGGSGGGGSGGGGSDIQMTQS
PSSLSASVGDRVTITCQASEDIYSFVAWYQQKPGKAPKLLIYNAQTEAQGVPSRFSGSGSGTDFTLTISSLQPEDFATYY
CQHHYDSPLTFGGGTKVEIK
;
A,C
2 'polypeptide(L)'
;MWTWALWMLPSLCKFSLAALPAKPENISCVYYYRKNLTCTWSPGKETSYTQYTVKRTYAFGEKHDNCTTNSSTSENRASC
SFFLPRITIPDNYTIEVEAENGDGVIKSHMTYWRLENIAKTEPPKIFRVKPVLGIKRMIQIEWIKPELAPVSSDLKYTLR
FRTVNSTSWMEVNFAKNRKDKNQTYNLTGLQPFTEYVIALRCAVKESKFWSDWSQEKMGMTEEGTSDEVDGGSGGSGLND
IFEAQKIEWHEGRTKHHHHHH
;
B,D
#
loop_
_chem_comp.id
_chem_comp.type
_chem_comp.name
_chem_comp.formula
A1H79 non-polymer 'BES buffer' 'C6 H15 N O5 S'
NAG D-saccharide, beta linking 2-acetamido-2-deoxy-beta-D-glucopyranose 'C8 H15 N O6'
#
# COMPACT_ATOMS: atom_id res chain seq x y z
N GLN A 18 26.71 -2.47 3.79
CA GLN A 18 26.44 -3.89 4.17
C GLN A 18 24.94 -4.15 4.14
N VAL A 19 24.60 -5.35 3.66
CA VAL A 19 23.21 -5.73 3.50
C VAL A 19 22.63 -6.03 4.88
N GLN A 20 21.51 -5.35 5.19
CA GLN A 20 20.79 -5.58 6.42
C GLN A 20 19.32 -5.79 6.11
N LEU A 21 18.72 -6.74 6.83
CA LEU A 21 17.29 -6.93 6.85
C LEU A 21 16.81 -6.78 8.29
N VAL A 22 15.91 -5.83 8.52
CA VAL A 22 15.41 -5.50 9.85
C VAL A 22 13.90 -5.70 9.84
N GLN A 23 13.43 -6.68 10.63
CA GLN A 23 12.01 -7.04 10.67
C GLN A 23 11.29 -6.30 11.81
N SER A 24 9.98 -6.22 11.70
CA SER A 24 9.13 -5.64 12.72
C SER A 24 9.12 -6.51 13.97
N GLY A 25 8.60 -5.94 15.08
CA GLY A 25 8.65 -6.58 16.39
C GLY A 25 7.60 -7.70 16.58
N ALA A 26 7.62 -8.31 17.76
CA ALA A 26 6.80 -9.47 18.09
C ALA A 26 5.30 -9.18 17.96
N GLU A 27 4.52 -10.22 17.70
CA GLU A 27 3.08 -10.10 17.52
C GLU A 27 2.39 -11.19 18.35
N VAL A 28 1.23 -10.83 18.91
CA VAL A 28 0.37 -11.79 19.58
C VAL A 28 -1.03 -11.59 19.00
N LYS A 29 -1.60 -12.66 18.45
CA LYS A 29 -2.83 -12.55 17.68
C LYS A 29 -3.78 -13.65 18.10
N LYS A 30 -5.07 -13.34 18.11
CA LYS A 30 -6.10 -14.32 18.40
C LYS A 30 -6.19 -15.33 17.26
N PRO A 31 -6.52 -16.61 17.56
CA PRO A 31 -6.94 -17.55 16.55
C PRO A 31 -8.02 -16.91 15.68
N GLY A 32 -7.90 -17.09 14.37
CA GLY A 32 -8.86 -16.53 13.44
C GLY A 32 -8.39 -15.19 12.87
N ALA A 33 -7.35 -14.58 13.45
CA ALA A 33 -6.97 -13.24 13.02
C ALA A 33 -5.92 -13.38 11.93
N SER A 34 -5.36 -12.25 11.51
CA SER A 34 -4.30 -12.22 10.53
C SER A 34 -3.16 -11.37 11.08
N VAL A 35 -1.95 -11.58 10.53
CA VAL A 35 -0.78 -10.83 10.97
C VAL A 35 -0.02 -10.38 9.73
N LYS A 36 0.65 -9.23 9.81
CA LYS A 36 1.42 -8.72 8.70
C LYS A 36 2.76 -8.30 9.26
N VAL A 37 3.84 -8.99 8.83
CA VAL A 37 5.18 -8.74 9.31
C VAL A 37 5.92 -7.96 8.23
N SER A 38 6.72 -6.98 8.65
CA SER A 38 7.50 -6.22 7.71
C SER A 38 8.98 -6.58 7.83
N CYS A 39 9.70 -6.26 6.76
CA CYS A 39 11.09 -6.59 6.58
C CYS A 39 11.74 -5.48 5.76
N LYS A 40 12.53 -4.67 6.45
CA LYS A 40 13.07 -3.44 5.89
C LYS A 40 14.49 -3.72 5.43
N ALA A 41 14.72 -3.53 4.13
CA ALA A 41 15.98 -3.84 3.53
C ALA A 41 16.82 -2.59 3.35
N SER A 42 18.13 -2.71 3.57
CA SER A 42 19.04 -1.62 3.30
C SER A 42 20.40 -2.16 2.86
N GLY A 43 21.12 -1.29 2.17
CA GLY A 43 22.51 -1.52 1.80
C GLY A 43 22.65 -2.13 0.41
N TYR A 44 21.60 -2.08 -0.43
CA TYR A 44 21.63 -2.72 -1.75
C TYR A 44 20.39 -2.28 -2.54
N THR A 45 20.35 -2.57 -3.84
CA THR A 45 19.21 -2.22 -4.67
C THR A 45 18.09 -3.21 -4.41
N PHE A 46 17.03 -2.74 -3.73
CA PHE A 46 15.96 -3.59 -3.25
C PHE A 46 15.34 -4.43 -4.37
N THR A 47 15.15 -3.84 -5.57
CA THR A 47 14.43 -4.49 -6.64
C THR A 47 15.30 -5.51 -7.35
N GLY A 48 16.60 -5.60 -7.02
CA GLY A 48 17.50 -6.50 -7.72
C GLY A 48 17.58 -7.90 -7.10
N TYR A 49 16.84 -8.17 -6.01
CA TYR A 49 17.03 -9.42 -5.29
C TYR A 49 15.70 -9.95 -4.78
N ILE A 50 15.51 -11.25 -4.98
CA ILE A 50 14.33 -11.95 -4.51
C ILE A 50 14.34 -11.95 -2.99
N MET A 51 13.15 -11.80 -2.40
CA MET A 51 12.97 -11.90 -0.96
C MET A 51 12.10 -13.12 -0.64
N ASN A 52 12.61 -13.98 0.23
CA ASN A 52 11.90 -15.18 0.68
C ASN A 52 11.41 -14.96 2.11
N TRP A 53 10.36 -15.71 2.47
CA TRP A 53 9.91 -15.82 3.84
C TRP A 53 9.92 -17.29 4.23
N VAL A 54 10.47 -17.55 5.42
CA VAL A 54 10.61 -18.86 6.03
C VAL A 54 10.13 -18.76 7.49
N ARG A 55 9.58 -19.83 8.06
CA ARG A 55 9.20 -19.81 9.47
C ARG A 55 9.70 -21.03 10.22
N GLN A 56 9.72 -20.93 11.55
CA GLN A 56 10.18 -22.00 12.40
C GLN A 56 9.38 -22.01 13.70
N ALA A 57 8.52 -23.03 13.86
CA ALA A 57 7.75 -23.21 15.07
C ALA A 57 8.69 -23.61 16.21
N PRO A 58 8.34 -23.31 17.47
CA PRO A 58 9.26 -23.53 18.58
C PRO A 58 9.71 -24.98 18.61
N GLY A 59 11.03 -25.18 18.57
CA GLY A 59 11.63 -26.49 18.70
C GLY A 59 11.51 -27.34 17.44
N GLN A 60 11.14 -26.73 16.30
CA GLN A 60 10.93 -27.49 15.07
C GLN A 60 11.82 -26.98 13.95
N GLY A 61 11.64 -27.51 12.74
CA GLY A 61 12.49 -27.16 11.61
C GLY A 61 11.98 -25.95 10.84
N LEU A 62 12.66 -25.66 9.73
CA LEU A 62 12.36 -24.58 8.82
C LEU A 62 11.30 -25.01 7.81
N GLU A 63 10.32 -24.12 7.57
CA GLU A 63 9.39 -24.25 6.48
C GLU A 63 9.38 -22.99 5.62
N TRP A 64 9.44 -23.20 4.30
CA TRP A 64 9.40 -22.11 3.35
C TRP A 64 7.95 -21.66 3.15
N MET A 65 7.74 -20.35 3.06
CA MET A 65 6.40 -19.83 2.86
C MET A 65 6.17 -19.28 1.46
N GLY A 66 7.17 -18.58 0.93
CA GLY A 66 7.02 -18.01 -0.40
C GLY A 66 8.11 -17.00 -0.65
N LEU A 67 8.08 -16.42 -1.85
CA LEU A 67 8.95 -15.31 -2.17
C LEU A 67 8.22 -14.27 -3.02
N ILE A 68 8.86 -13.12 -3.14
CA ILE A 68 8.44 -12.07 -4.05
C ILE A 68 9.66 -11.57 -4.80
N ASN A 69 9.41 -11.14 -6.02
CA ASN A 69 10.38 -10.46 -6.83
C ASN A 69 9.97 -8.99 -6.81
N PRO A 70 10.67 -8.11 -6.05
CA PRO A 70 10.24 -6.72 -5.94
C PRO A 70 10.39 -5.96 -7.25
N TYR A 71 11.08 -6.55 -8.24
CA TYR A 71 11.22 -5.94 -9.55
C TYR A 71 9.85 -5.73 -10.21
N ASN A 72 8.93 -6.70 -10.08
CA ASN A 72 7.65 -6.64 -10.78
C ASN A 72 6.49 -7.16 -9.93
N GLY A 73 6.73 -7.51 -8.66
CA GLY A 73 5.66 -7.92 -7.77
C GLY A 73 5.28 -9.40 -7.88
N GLY A 74 5.94 -10.16 -8.76
CA GLY A 74 5.61 -11.55 -8.93
C GLY A 74 5.88 -12.35 -7.65
N THR A 75 4.92 -13.20 -7.27
CA THR A 75 5.03 -13.98 -6.05
C THR A 75 5.00 -15.46 -6.41
N ASP A 76 5.41 -16.26 -5.44
CA ASP A 76 5.41 -17.70 -5.55
C ASP A 76 5.32 -18.25 -4.13
N TYR A 77 4.24 -18.99 -3.88
CA TYR A 77 3.85 -19.38 -2.53
C TYR A 77 3.93 -20.89 -2.40
N ASN A 78 4.32 -21.33 -1.22
CA ASN A 78 4.18 -22.71 -0.83
C ASN A 78 2.71 -23.07 -0.89
N PRO A 79 2.30 -24.10 -1.64
CA PRO A 79 0.89 -24.50 -1.68
C PRO A 79 0.26 -24.80 -0.31
N GLN A 80 1.06 -25.09 0.73
CA GLN A 80 0.50 -25.33 2.04
C GLN A 80 -0.17 -24.09 2.65
N PHE A 81 -0.02 -22.92 2.03
CA PHE A 81 -0.57 -21.69 2.57
C PHE A 81 -1.17 -20.78 1.48
N GLN A 82 -1.65 -21.37 0.38
CA GLN A 82 -1.98 -20.62 -0.82
C GLN A 82 -3.10 -19.64 -0.54
N ASP A 83 -4.05 -20.08 0.26
CA ASP A 83 -5.25 -19.33 0.54
C ASP A 83 -5.00 -18.23 1.59
N ARG A 84 -3.81 -18.25 2.23
CA ARG A 84 -3.57 -17.58 3.50
C ARG A 84 -2.47 -16.51 3.42
N VAL A 85 -1.41 -16.80 2.66
CA VAL A 85 -0.23 -15.96 2.62
C VAL A 85 -0.36 -14.94 1.49
N THR A 86 -0.17 -13.65 1.82
CA THR A 86 0.14 -12.63 0.84
C THR A 86 1.53 -12.02 1.13
N ILE A 87 2.37 -11.96 0.09
CA ILE A 87 3.65 -11.29 0.19
C ILE A 87 3.63 -10.07 -0.73
N THR A 88 4.01 -8.91 -0.19
CA THR A 88 4.03 -7.69 -0.98
C THR A 88 5.37 -7.01 -0.77
N ALA A 89 5.65 -6.03 -1.64
CA ALA A 89 6.89 -5.29 -1.57
C ALA A 89 6.62 -3.84 -1.97
N ASP A 90 7.28 -2.89 -1.30
CA ASP A 90 7.11 -1.49 -1.63
C ASP A 90 8.49 -0.91 -1.97
N LYS A 91 8.67 -0.55 -3.23
CA LYS A 91 9.93 -0.03 -3.74
C LYS A 91 10.31 1.28 -3.04
N SER A 92 9.32 2.12 -2.75
CA SER A 92 9.61 3.42 -2.19
C SER A 92 10.24 3.30 -0.79
N THR A 93 9.87 2.28 -0.01
CA THR A 93 10.41 2.15 1.34
C THR A 93 11.38 0.98 1.47
N SER A 94 11.78 0.35 0.35
CA SER A 94 12.59 -0.86 0.36
C SER A 94 12.12 -1.86 1.42
N THR A 95 10.81 -2.11 1.50
CA THR A 95 10.27 -2.94 2.56
C THR A 95 9.45 -4.06 1.93
N ALA A 96 9.70 -5.29 2.37
CA ALA A 96 8.87 -6.43 2.01
C ALA A 96 7.97 -6.80 3.19
N TYR A 97 6.81 -7.37 2.84
CA TYR A 97 5.83 -7.69 3.85
C TYR A 97 5.29 -9.10 3.63
N MET A 98 4.87 -9.71 4.74
CA MET A 98 4.30 -11.04 4.74
C MET A 98 3.07 -11.01 5.62
N GLU A 99 1.92 -11.25 5.00
CA GLU A 99 0.68 -11.38 5.72
C GLU A 99 0.25 -12.84 5.72
N LEU A 100 -0.18 -13.29 6.90
CA LEU A 100 -0.69 -14.64 7.08
C LEU A 100 -2.03 -14.49 7.78
N SER A 101 -3.08 -14.93 7.10
CA SER A 101 -4.43 -14.84 7.64
C SER A 101 -4.87 -16.24 8.13
N SER A 102 -6.05 -16.28 8.73
CA SER A 102 -6.65 -17.48 9.31
C SER A 102 -5.72 -18.18 10.29
N LEU A 103 -5.12 -17.40 11.19
CA LEU A 103 -4.11 -17.89 12.10
C LEU A 103 -4.67 -18.96 13.01
N ARG A 104 -3.87 -19.99 13.23
CA ARG A 104 -4.21 -21.02 14.17
C ARG A 104 -3.01 -21.18 15.09
N SER A 105 -3.21 -21.90 16.20
CA SER A 105 -2.18 -21.98 17.23
C SER A 105 -0.89 -22.56 16.62
N GLU A 106 -1.03 -23.48 15.66
CA GLU A 106 0.13 -24.09 15.03
C GLU A 106 0.86 -23.07 14.17
N ASP A 107 0.32 -21.87 13.98
CA ASP A 107 1.07 -20.85 13.25
C ASP A 107 2.07 -20.13 14.14
N THR A 108 2.06 -20.43 15.45
CA THR A 108 3.02 -19.86 16.40
C THR A 108 4.43 -20.23 15.94
N ALA A 109 5.26 -19.21 15.68
CA ALA A 109 6.54 -19.47 15.05
C ALA A 109 7.33 -18.17 14.97
N VAL A 110 8.62 -18.30 14.69
CA VAL A 110 9.44 -17.18 14.28
C VAL A 110 9.44 -17.17 12.76
N TYR A 111 9.17 -15.98 12.21
CA TYR A 111 9.03 -15.71 10.79
C TYR A 111 10.23 -14.86 10.39
N TYR A 112 10.93 -15.31 9.33
CA TYR A 112 12.16 -14.71 8.85
C TYR A 112 11.99 -14.28 7.40
N CYS A 113 12.45 -13.08 7.05
CA CYS A 113 12.67 -12.72 5.65
C CYS A 113 14.11 -13.03 5.33
N ALA A 114 14.40 -13.33 4.07
CA ALA A 114 15.75 -13.65 3.68
C ALA A 114 15.99 -13.32 2.21
N ARG A 115 17.14 -12.70 1.95
CA ARG A 115 17.50 -12.32 0.61
C ARG A 115 18.19 -13.48 -0.10
N ASP A 116 17.84 -13.68 -1.38
CA ASP A 116 18.51 -14.59 -2.28
C ASP A 116 19.49 -13.75 -3.10
N GLY A 117 20.80 -13.95 -2.85
CA GLY A 117 21.84 -13.02 -3.25
C GLY A 117 22.98 -13.64 -4.07
N TYR A 118 23.11 -14.96 -4.11
CA TYR A 118 24.20 -15.57 -4.89
C TYR A 118 23.79 -15.70 -6.35
N ASP A 119 24.59 -15.09 -7.24
CA ASP A 119 24.34 -15.08 -8.68
C ASP A 119 24.32 -16.50 -9.24
N ASP A 120 25.22 -17.37 -8.76
CA ASP A 120 25.31 -18.76 -9.19
C ASP A 120 24.47 -19.71 -8.30
N GLY A 121 23.68 -19.20 -7.35
CA GLY A 121 22.94 -20.07 -6.45
C GLY A 121 21.57 -19.50 -6.11
N PRO A 122 20.70 -19.34 -7.13
CA PRO A 122 19.35 -18.85 -6.88
C PRO A 122 18.61 -19.88 -6.03
N TYR A 123 17.60 -19.38 -5.30
CA TYR A 123 16.77 -20.14 -4.36
C TYR A 123 17.53 -20.56 -3.10
N THR A 124 18.72 -19.99 -2.87
CA THR A 124 19.35 -20.13 -1.57
C THR A 124 19.15 -18.83 -0.78
N LEU A 125 19.34 -18.90 0.53
CA LEU A 125 18.98 -17.78 1.41
C LEU A 125 20.24 -17.26 2.04
N GLU A 126 20.79 -16.15 1.51
CA GLU A 126 22.11 -15.71 1.92
C GLU A 126 22.12 -14.70 3.06
N THR A 127 21.15 -13.77 3.12
CA THR A 127 21.08 -12.83 4.23
C THR A 127 19.71 -12.94 4.88
N TRP A 128 19.69 -13.02 6.22
CA TRP A 128 18.48 -13.24 6.98
C TRP A 128 18.18 -12.04 7.86
N GLY A 129 16.90 -11.72 8.01
CA GLY A 129 16.46 -10.84 9.08
C GLY A 129 16.64 -11.51 10.44
N GLN A 130 16.35 -10.75 11.51
CA GLN A 130 16.57 -11.22 12.88
C GLN A 130 15.39 -12.09 13.33
N GLY A 131 14.31 -12.11 12.55
CA GLY A 131 13.14 -12.90 12.90
C GLY A 131 12.11 -12.06 13.65
N THR A 132 10.85 -12.51 13.54
CA THR A 132 9.72 -11.91 14.21
C THR A 132 8.91 -13.05 14.79
N LEU A 133 8.76 -13.04 16.11
CA LEU A 133 7.95 -14.05 16.80
C LEU A 133 6.49 -13.65 16.67
N VAL A 134 5.68 -14.58 16.15
CA VAL A 134 4.24 -14.45 16.11
C VAL A 134 3.67 -15.57 16.96
N THR A 135 2.98 -15.20 18.04
CA THR A 135 2.31 -16.17 18.89
C THR A 135 0.82 -16.05 18.65
N VAL A 136 0.14 -17.20 18.48
CA VAL A 136 -1.29 -17.20 18.25
C VAL A 136 -1.94 -17.82 19.47
N SER A 137 -2.78 -17.05 20.18
CA SER A 137 -3.38 -17.52 21.42
C SER A 137 -4.46 -16.54 21.88
N SER A 138 -5.37 -16.96 22.76
CA SER A 138 -6.47 -16.08 23.17
C SER A 138 -5.94 -14.80 23.84
N GLY A 139 -4.71 -14.81 24.40
CA GLY A 139 -4.11 -13.62 24.98
C GLY A 139 -3.74 -12.53 23.95
N GLY A 140 -3.97 -12.75 22.65
CA GLY A 140 -3.59 -11.75 21.67
C GLY A 140 -4.68 -10.71 21.41
N GLY A 141 -4.46 -9.87 20.38
CA GLY A 141 -5.50 -9.12 19.69
C GLY A 141 -5.55 -7.68 20.14
N GLY A 149 -11.01 2.31 18.86
CA GLY A 149 -11.91 3.39 19.31
C GLY A 149 -13.37 3.00 19.13
N GLY A 150 -13.82 2.03 19.93
CA GLY A 150 -15.16 1.47 19.82
C GLY A 150 -16.13 2.20 20.75
N GLY A 151 -17.40 2.26 20.33
CA GLY A 151 -18.39 3.05 21.04
C GLY A 151 -18.88 2.37 22.30
N GLY A 152 -18.82 1.03 22.35
CA GLY A 152 -19.34 0.26 23.46
C GLY A 152 -20.87 0.28 23.57
N SER A 153 -21.60 0.70 22.53
CA SER A 153 -23.05 0.65 22.62
C SER A 153 -23.47 -0.82 22.64
N ASP A 154 -24.67 -1.10 23.14
CA ASP A 154 -25.25 -2.43 22.96
C ASP A 154 -26.75 -2.25 22.76
N ILE A 155 -27.08 -1.82 21.55
CA ILE A 155 -28.43 -1.43 21.22
C ILE A 155 -28.97 -2.45 20.24
N GLN A 156 -30.14 -3.01 20.59
CA GLN A 156 -30.85 -3.92 19.71
C GLN A 156 -32.03 -3.17 19.08
N MET A 157 -32.22 -3.40 17.78
CA MET A 157 -33.34 -2.85 17.02
C MET A 157 -34.21 -4.02 16.55
N THR A 158 -35.53 -3.96 16.80
CA THR A 158 -36.49 -4.90 16.28
C THR A 158 -37.54 -4.13 15.48
N GLN A 159 -38.07 -4.77 14.45
CA GLN A 159 -39.04 -4.12 13.58
C GLN A 159 -40.29 -4.98 13.55
N SER A 160 -41.40 -4.31 13.27
CA SER A 160 -42.68 -4.97 13.15
C SER A 160 -43.56 -4.13 12.24
N PRO A 161 -44.40 -4.75 11.38
CA PRO A 161 -44.35 -6.19 11.10
C PRO A 161 -43.04 -6.63 10.46
N SER A 162 -42.81 -7.94 10.38
CA SER A 162 -41.67 -8.49 9.64
C SER A 162 -41.97 -8.52 8.16
N SER A 163 -43.23 -8.73 7.81
CA SER A 163 -43.64 -8.47 6.45
C SER A 163 -45.11 -8.08 6.42
N LEU A 164 -45.50 -7.44 5.33
CA LEU A 164 -46.90 -7.10 5.13
C LEU A 164 -47.21 -7.01 3.65
N SER A 165 -48.48 -7.24 3.32
CA SER A 165 -49.00 -7.13 1.97
C SER A 165 -50.00 -5.97 1.91
N ALA A 166 -49.86 -5.13 0.89
CA ALA A 166 -50.66 -3.94 0.75
C ALA A 166 -50.88 -3.62 -0.73
N SER A 167 -51.68 -2.59 -1.00
CA SER A 167 -52.08 -2.23 -2.35
C SER A 167 -51.53 -0.85 -2.68
N VAL A 168 -51.31 -0.59 -3.96
CA VAL A 168 -50.99 0.74 -4.44
C VAL A 168 -52.02 1.74 -3.92
N GLY A 169 -51.53 2.86 -3.39
CA GLY A 169 -52.40 3.88 -2.81
C GLY A 169 -52.59 3.77 -1.30
N ASP A 170 -52.25 2.62 -0.68
CA ASP A 170 -52.42 2.45 0.75
C ASP A 170 -51.40 3.31 1.51
N ARG A 171 -51.86 3.80 2.66
CA ARG A 171 -50.96 4.34 3.67
C ARG A 171 -50.40 3.16 4.48
N VAL A 172 -49.09 3.08 4.67
CA VAL A 172 -48.51 1.97 5.40
C VAL A 172 -47.63 2.54 6.49
N THR A 173 -47.67 1.95 7.68
CA THR A 173 -46.75 2.36 8.76
C THR A 173 -46.03 1.13 9.28
N ILE A 174 -44.72 1.28 9.49
CA ILE A 174 -43.80 0.25 9.95
C ILE A 174 -43.16 0.76 11.24
N THR A 175 -42.89 -0.13 12.20
CA THR A 175 -42.33 0.29 13.47
C THR A 175 -40.95 -0.34 13.69
N CYS A 176 -40.19 0.36 14.52
CA CYS A 176 -38.86 -0.01 14.91
C CYS A 176 -38.74 0.35 16.39
N GLN A 177 -38.17 -0.57 17.17
CA GLN A 177 -38.04 -0.39 18.60
C GLN A 177 -36.58 -0.62 18.97
N ALA A 178 -36.05 0.31 19.77
CA ALA A 178 -34.70 0.22 20.29
C ALA A 178 -34.78 -0.32 21.71
N SER A 179 -33.74 -1.03 22.12
CA SER A 179 -33.63 -1.63 23.44
C SER A 179 -33.32 -0.60 24.52
N GLU A 180 -32.90 0.63 24.15
CA GLU A 180 -32.64 1.73 25.06
C GLU A 180 -32.99 3.06 24.40
N ASP A 181 -33.11 4.11 25.24
CA ASP A 181 -33.34 5.47 24.78
C ASP A 181 -32.18 5.88 23.87
N ILE A 182 -32.46 6.15 22.59
CA ILE A 182 -31.42 6.62 21.67
C ILE A 182 -31.84 7.96 21.05
N TYR A 183 -32.70 8.72 21.73
CA TYR A 183 -33.10 10.04 21.31
C TYR A 183 -33.76 9.90 19.94
N SER A 184 -33.25 10.62 18.94
CA SER A 184 -33.76 10.52 17.59
C SER A 184 -32.71 10.00 16.61
N PHE A 185 -31.73 9.22 17.08
CA PHE A 185 -30.66 8.72 16.22
C PHE A 185 -31.09 7.41 15.54
N VAL A 186 -32.08 7.53 14.63
CA VAL A 186 -32.60 6.39 13.90
C VAL A 186 -32.65 6.76 12.43
N ALA A 187 -32.19 5.80 11.60
CA ALA A 187 -32.22 5.90 10.15
C ALA A 187 -33.05 4.76 9.57
N TRP A 188 -33.60 5.05 8.39
CA TRP A 188 -34.40 4.11 7.64
C TRP A 188 -33.84 4.01 6.23
N TYR A 189 -33.74 2.77 5.76
CA TYR A 189 -33.24 2.44 4.45
C TYR A 189 -34.29 1.65 3.70
N GLN A 190 -34.29 1.79 2.39
CA GLN A 190 -35.08 0.96 1.50
C GLN A 190 -34.15 0.11 0.66
N GLN A 191 -34.47 -1.17 0.56
CA GLN A 191 -33.68 -2.05 -0.28
C GLN A 191 -34.63 -2.76 -1.23
N LYS A 192 -34.46 -2.45 -2.51
CA LYS A 192 -35.22 -3.08 -3.57
C LYS A 192 -34.54 -4.38 -3.92
N PRO A 193 -35.30 -5.38 -4.40
CA PRO A 193 -34.72 -6.67 -4.78
C PRO A 193 -33.49 -6.49 -5.69
N GLY A 194 -32.37 -7.08 -5.28
CA GLY A 194 -31.14 -7.05 -6.07
C GLY A 194 -30.22 -5.85 -5.81
N LYS A 195 -30.65 -4.83 -5.06
CA LYS A 195 -29.93 -3.56 -5.04
C LYS A 195 -29.32 -3.29 -3.67
N ALA A 196 -28.36 -2.36 -3.63
CA ALA A 196 -27.90 -1.83 -2.35
C ALA A 196 -29.01 -1.07 -1.63
N PRO A 197 -28.99 -1.04 -0.28
CA PRO A 197 -29.92 -0.18 0.47
C PRO A 197 -29.73 1.30 0.12
N LYS A 198 -30.84 2.03 0.23
CA LYS A 198 -30.84 3.46 0.03
C LYS A 198 -31.37 4.14 1.30
N LEU A 199 -30.68 5.19 1.73
CA LEU A 199 -31.09 5.95 2.89
C LEU A 199 -32.32 6.81 2.57
N LEU A 200 -33.37 6.67 3.38
CA LEU A 200 -34.56 7.48 3.21
C LEU A 200 -34.59 8.61 4.24
N ILE A 201 -34.36 8.23 5.51
CA ILE A 201 -34.56 9.08 6.67
C ILE A 201 -33.38 8.92 7.62
N TYR A 202 -32.98 10.02 8.26
CA TYR A 202 -32.06 9.95 9.39
C TYR A 202 -32.50 10.96 10.45
N ASN A 203 -31.86 10.91 11.60
CA ASN A 203 -32.29 11.65 12.78
C ASN A 203 -33.79 11.46 12.98
N ALA A 204 -34.26 10.23 12.74
CA ALA A 204 -35.66 9.85 12.91
C ALA A 204 -36.61 10.49 11.92
N GLN A 205 -36.34 11.72 11.43
CA GLN A 205 -37.36 12.37 10.60
C GLN A 205 -36.82 13.30 9.50
N THR A 206 -35.50 13.44 9.36
CA THR A 206 -34.92 14.21 8.27
C THR A 206 -34.89 13.33 7.02
N GLU A 207 -35.46 13.82 5.92
CA GLU A 207 -35.45 13.13 4.64
C GLU A 207 -34.04 13.29 4.04
N ALA A 208 -33.48 12.16 3.58
CA ALA A 208 -32.26 12.16 2.78
C ALA A 208 -32.57 12.75 1.42
N GLN A 209 -31.51 13.02 0.66
CA GLN A 209 -31.66 13.66 -0.63
C GLN A 209 -32.29 12.68 -1.61
N GLY A 210 -33.17 13.22 -2.44
CA GLY A 210 -33.85 12.47 -3.49
C GLY A 210 -34.79 11.43 -2.92
N VAL A 211 -35.47 11.79 -1.83
CA VAL A 211 -36.44 10.90 -1.23
C VAL A 211 -37.82 11.50 -1.41
N PRO A 212 -38.78 10.82 -2.04
CA PRO A 212 -40.09 11.41 -2.30
C PRO A 212 -40.73 11.76 -0.97
N SER A 213 -41.57 12.80 -1.02
CA SER A 213 -42.18 13.38 0.16
C SER A 213 -43.21 12.46 0.80
N ARG A 214 -43.65 11.39 0.10
CA ARG A 214 -44.62 10.47 0.68
C ARG A 214 -43.98 9.63 1.80
N PHE A 215 -42.65 9.64 1.92
CA PHE A 215 -41.95 8.93 3.01
C PHE A 215 -41.76 9.90 4.18
N SER A 216 -42.14 9.49 5.40
CA SER A 216 -41.85 10.29 6.57
C SER A 216 -41.56 9.40 7.77
N GLY A 217 -40.75 9.93 8.68
CA GLY A 217 -40.40 9.19 9.87
C GLY A 217 -40.77 9.99 11.10
N SER A 218 -41.00 9.32 12.22
CA SER A 218 -41.21 10.01 13.47
C SER A 218 -40.79 9.11 14.63
N GLY A 219 -40.82 9.69 15.84
CA GLY A 219 -40.51 8.99 17.07
C GLY A 219 -39.23 9.53 17.71
N SER A 220 -39.10 9.25 19.02
CA SER A 220 -37.88 9.48 19.77
C SER A 220 -37.93 8.61 21.03
N GLY A 221 -36.76 8.36 21.63
CA GLY A 221 -36.67 7.44 22.73
C GLY A 221 -36.45 6.01 22.24
N THR A 222 -37.49 5.16 22.32
CA THR A 222 -37.36 3.77 21.91
C THR A 222 -38.24 3.40 20.71
N ASP A 223 -39.28 4.20 20.40
CA ASP A 223 -40.29 3.81 19.41
C ASP A 223 -40.29 4.74 18.21
N PHE A 224 -40.09 4.15 17.04
CA PHE A 224 -39.97 4.87 15.79
C PHE A 224 -40.91 4.27 14.74
N THR A 225 -41.41 5.11 13.86
CA THR A 225 -42.25 4.65 12.78
C THR A 225 -41.76 5.25 11.47
N LEU A 226 -41.94 4.50 10.38
CA LEU A 226 -41.84 5.02 9.04
C LEU A 226 -43.22 4.88 8.43
N THR A 227 -43.67 5.97 7.78
CA THR A 227 -44.98 6.06 7.17
C THR A 227 -44.76 6.31 5.69
N ILE A 228 -45.45 5.51 4.88
CA ILE A 228 -45.53 5.76 3.44
C ILE A 228 -46.95 6.17 3.11
N SER A 229 -47.14 7.42 2.68
CA SER A 229 -48.48 8.00 2.73
C SER A 229 -49.35 7.39 1.65
N SER A 230 -48.73 6.98 0.54
CA SER A 230 -49.47 6.42 -0.58
C SER A 230 -48.56 5.52 -1.42
N LEU A 231 -48.71 4.21 -1.21
CA LEU A 231 -47.76 3.22 -1.67
C LEU A 231 -47.77 3.20 -3.19
N GLN A 232 -46.60 3.37 -3.80
CA GLN A 232 -46.45 3.30 -5.26
C GLN A 232 -45.71 2.01 -5.63
N PRO A 233 -45.75 1.56 -6.91
CA PRO A 233 -45.05 0.33 -7.32
C PRO A 233 -43.59 0.22 -6.93
N GLU A 234 -42.86 1.33 -6.99
CA GLU A 234 -41.44 1.31 -6.69
C GLU A 234 -41.19 1.03 -5.21
N ASP A 235 -42.24 1.14 -4.38
CA ASP A 235 -42.12 1.16 -2.94
C ASP A 235 -42.15 -0.25 -2.33
N PHE A 236 -42.55 -1.24 -3.15
CA PHE A 236 -42.59 -2.63 -2.71
C PHE A 236 -41.17 -3.14 -2.60
N ALA A 237 -40.71 -3.32 -1.36
CA ALA A 237 -39.30 -3.45 -1.07
C ALA A 237 -39.15 -3.80 0.41
N THR A 238 -37.90 -3.90 0.88
CA THR A 238 -37.66 -4.23 2.28
C THR A 238 -37.07 -2.97 2.91
N TYR A 239 -37.57 -2.64 4.09
CA TYR A 239 -37.18 -1.43 4.79
C TYR A 239 -36.43 -1.87 6.05
N TYR A 240 -35.28 -1.24 6.30
CA TYR A 240 -34.53 -1.52 7.52
C TYR A 240 -34.44 -0.25 8.35
N CYS A 241 -34.55 -0.39 9.68
CA CYS A 241 -34.13 0.70 10.56
C CYS A 241 -32.72 0.39 11.06
N GLN A 242 -32.02 1.46 11.46
CA GLN A 242 -30.70 1.36 12.08
C GLN A 242 -30.56 2.47 13.14
N HIS A 243 -30.00 2.19 14.31
CA HIS A 243 -29.60 3.28 15.20
C HIS A 243 -28.29 3.87 14.66
N HIS A 244 -28.10 5.19 14.82
CA HIS A 244 -26.83 5.83 14.53
C HIS A 244 -26.34 6.65 15.72
N TYR A 245 -26.46 6.07 16.92
CA TYR A 245 -25.99 6.63 18.17
C TYR A 245 -24.47 6.57 18.25
N ASP A 246 -23.92 5.36 18.42
CA ASP A 246 -22.49 5.14 18.38
C ASP A 246 -22.24 3.67 18.05
N SER A 247 -20.99 3.34 17.68
CA SER A 247 -20.61 1.98 17.35
C SER A 247 -20.73 1.06 18.57
N PRO A 248 -21.09 -0.23 18.40
CA PRO A 248 -21.47 -0.83 17.11
C PRO A 248 -22.83 -0.41 16.56
N LEU A 249 -22.88 -0.13 15.26
CA LEU A 249 -24.15 0.12 14.59
C LEU A 249 -24.90 -1.20 14.43
N THR A 250 -26.21 -1.18 14.68
CA THR A 250 -27.02 -2.36 14.46
C THR A 250 -28.30 -1.96 13.72
N PHE A 251 -28.87 -2.95 13.04
CA PHE A 251 -30.03 -2.81 12.19
C PHE A 251 -31.20 -3.60 12.75
N GLY A 252 -32.42 -3.16 12.45
CA GLY A 252 -33.59 -4.01 12.65
C GLY A 252 -33.58 -5.17 11.65
N GLY A 253 -34.44 -6.17 11.87
CA GLY A 253 -34.46 -7.35 11.04
C GLY A 253 -35.11 -7.09 9.68
N GLY A 254 -35.72 -5.92 9.49
CA GLY A 254 -36.33 -5.58 8.22
C GLY A 254 -37.85 -5.82 8.22
N THR A 255 -38.53 -5.04 7.38
CA THR A 255 -39.94 -5.19 7.08
C THR A 255 -40.08 -5.26 5.57
N LYS A 256 -40.54 -6.43 5.10
CA LYS A 256 -40.76 -6.64 3.69
C LYS A 256 -42.19 -6.21 3.33
N VAL A 257 -42.29 -5.18 2.49
CA VAL A 257 -43.58 -4.71 1.99
C VAL A 257 -43.86 -5.32 0.62
N GLU A 258 -44.90 -6.15 0.58
CA GLU A 258 -45.22 -7.05 -0.52
C GLU A 258 -46.54 -6.64 -1.14
N ILE A 259 -46.78 -7.14 -2.35
CA ILE A 259 -47.93 -6.77 -3.13
C ILE A 259 -49.05 -7.72 -2.77
N LYS A 260 -50.19 -7.17 -2.38
CA LYS A 260 -51.36 -7.98 -2.13
C LYS A 260 -51.73 -8.80 -3.38
N LEU B 20 -0.34 -23.76 -41.64
CA LEU B 20 0.58 -23.77 -40.47
C LEU B 20 1.09 -22.34 -40.24
N PRO B 21 1.62 -22.05 -39.03
CA PRO B 21 2.22 -20.74 -38.75
C PRO B 21 3.63 -20.73 -39.31
N ALA B 22 4.17 -19.52 -39.51
CA ALA B 22 5.55 -19.37 -39.92
C ALA B 22 6.49 -19.94 -38.85
N LYS B 23 7.65 -20.42 -39.30
CA LYS B 23 8.69 -20.89 -38.39
C LYS B 23 9.36 -19.69 -37.74
N PRO B 24 9.27 -19.53 -36.40
CA PRO B 24 9.96 -18.43 -35.71
C PRO B 24 11.44 -18.46 -36.04
N GLU B 25 12.02 -17.28 -36.25
CA GLU B 25 13.42 -17.13 -36.57
C GLU B 25 13.97 -15.85 -35.95
N ASN B 26 15.28 -15.65 -36.08
CA ASN B 26 15.97 -14.42 -35.70
C ASN B 26 15.78 -14.22 -34.20
N ILE B 27 15.99 -15.29 -33.44
CA ILE B 27 15.85 -15.22 -32.01
C ILE B 27 17.00 -14.41 -31.45
N SER B 28 16.67 -13.47 -30.55
CA SER B 28 17.66 -12.60 -29.92
C SER B 28 17.32 -12.40 -28.45
N CYS B 29 18.30 -12.61 -27.56
CA CYS B 29 18.10 -12.48 -26.13
C CYS B 29 19.02 -11.44 -25.52
N VAL B 30 18.54 -10.78 -24.44
CA VAL B 30 19.32 -9.84 -23.66
C VAL B 30 19.03 -10.09 -22.18
N TYR B 31 20.09 -10.17 -21.35
CA TYR B 31 19.90 -10.24 -19.90
C TYR B 31 20.16 -8.86 -19.28
N TYR B 32 19.10 -8.15 -18.91
CA TYR B 32 19.23 -6.92 -18.15
C TYR B 32 19.49 -7.33 -16.70
N TYR B 33 20.73 -7.12 -16.26
CA TYR B 33 21.25 -7.80 -15.08
C TYR B 33 20.36 -7.54 -13.87
N ARG B 34 19.92 -8.65 -13.26
CA ARG B 34 19.02 -8.67 -12.12
C ARG B 34 17.74 -7.87 -12.36
N LYS B 35 17.28 -7.79 -13.61
CA LYS B 35 15.98 -7.22 -13.93
C LYS B 35 15.15 -8.26 -14.69
N ASN B 36 15.54 -8.57 -15.93
CA ASN B 36 14.88 -9.61 -16.69
C ASN B 36 15.79 -10.10 -17.82
N LEU B 37 15.49 -11.33 -18.27
CA LEU B 37 16.00 -11.85 -19.53
C LEU B 37 14.88 -11.80 -20.56
N THR B 38 15.11 -11.06 -21.64
CA THR B 38 14.14 -10.94 -22.73
C THR B 38 14.73 -11.58 -23.98
N CYS B 39 13.91 -12.42 -24.61
CA CYS B 39 14.21 -12.95 -25.93
C CYS B 39 13.15 -12.48 -26.91
N THR B 40 13.57 -11.91 -28.04
CA THR B 40 12.64 -11.52 -29.09
C THR B 40 12.94 -12.34 -30.35
N TRP B 41 11.98 -12.41 -31.27
CA TRP B 41 12.12 -13.20 -32.48
C TRP B 41 11.19 -12.69 -33.56
N SER B 42 11.50 -13.02 -34.83
CA SER B 42 10.64 -12.72 -35.97
C SER B 42 9.54 -13.76 -36.05
N PRO B 43 8.25 -13.35 -35.87
CA PRO B 43 7.14 -14.31 -35.86
C PRO B 43 6.75 -14.81 -37.25
N GLY B 44 6.97 -13.98 -38.28
CA GLY B 44 6.51 -14.28 -39.62
C GLY B 44 5.09 -13.75 -39.83
N LYS B 45 4.48 -14.08 -40.97
CA LYS B 45 3.12 -13.66 -41.27
C LYS B 45 2.18 -14.35 -40.28
N GLU B 46 1.35 -13.54 -39.58
CA GLU B 46 0.46 -14.02 -38.55
C GLU B 46 -0.95 -14.05 -39.11
N THR B 47 -1.35 -15.22 -39.66
CA THR B 47 -2.62 -15.36 -40.35
C THR B 47 -3.53 -16.31 -39.54
N SER B 48 -4.18 -15.75 -38.51
CA SER B 48 -4.98 -16.44 -37.51
C SER B 48 -4.21 -16.48 -36.21
N TYR B 49 -4.96 -16.57 -35.09
CA TYR B 49 -4.41 -16.34 -33.77
C TYR B 49 -3.32 -17.37 -33.47
N THR B 50 -2.10 -16.88 -33.23
CA THR B 50 -0.94 -17.72 -32.98
C THR B 50 -0.49 -17.53 -31.54
N GLN B 51 -0.20 -18.65 -30.85
CA GLN B 51 0.43 -18.63 -29.55
C GLN B 51 1.90 -19.02 -29.68
N TYR B 52 2.78 -18.24 -29.05
CA TYR B 52 4.20 -18.56 -28.98
C TYR B 52 4.54 -19.06 -27.58
N THR B 53 5.34 -20.12 -27.52
CA THR B 53 5.91 -20.57 -26.26
C THR B 53 7.42 -20.64 -26.41
N VAL B 54 8.13 -19.86 -25.60
CA VAL B 54 9.57 -19.92 -25.57
C VAL B 54 9.97 -20.95 -24.51
N LYS B 55 10.63 -22.02 -24.94
CA LYS B 55 11.09 -23.06 -24.02
C LYS B 55 12.57 -22.84 -23.78
N ARG B 56 12.89 -22.62 -22.50
CA ARG B 56 14.25 -22.37 -22.07
C ARG B 56 14.71 -23.57 -21.27
N THR B 57 15.90 -24.06 -21.61
CA THR B 57 16.62 -24.97 -20.74
C THR B 57 17.81 -24.19 -20.22
N TYR B 58 18.08 -24.32 -18.92
CA TYR B 58 19.10 -23.49 -18.28
C TYR B 58 19.74 -24.27 -17.12
N ALA B 59 20.58 -23.57 -16.35
CA ALA B 59 21.41 -24.23 -15.35
C ALA B 59 22.11 -25.42 -16.00
N PHE B 60 22.80 -25.13 -17.10
CA PHE B 60 23.60 -26.10 -17.83
C PHE B 60 22.81 -27.35 -18.14
N GLY B 61 21.60 -27.20 -18.65
CA GLY B 61 20.82 -28.35 -19.05
C GLY B 61 19.98 -28.96 -17.92
N GLU B 62 19.98 -28.37 -16.70
CA GLU B 62 19.37 -29.06 -15.57
C GLU B 62 18.00 -28.51 -15.16
N LYS B 63 17.62 -27.31 -15.64
CA LYS B 63 16.34 -26.69 -15.29
C LYS B 63 15.63 -26.21 -16.55
N HIS B 64 14.29 -26.05 -16.48
N HIS B 64 14.29 -26.10 -16.45
CA HIS B 64 13.45 -25.78 -17.65
CA HIS B 64 13.44 -25.71 -17.56
C HIS B 64 12.35 -24.76 -17.32
C HIS B 64 12.54 -24.57 -17.09
N ASP B 65 12.34 -23.58 -17.97
CA ASP B 65 11.32 -22.54 -17.79
C ASP B 65 10.59 -22.34 -19.13
N ASN B 66 9.45 -21.65 -19.10
CA ASN B 66 8.81 -21.18 -20.32
C ASN B 66 8.15 -19.83 -20.08
N CYS B 67 8.02 -19.06 -21.18
CA CYS B 67 7.20 -17.87 -21.23
C CYS B 67 6.42 -17.92 -22.54
N THR B 68 5.25 -17.25 -22.56
CA THR B 68 4.33 -17.33 -23.67
C THR B 68 3.84 -15.91 -24.01
N THR B 69 3.37 -15.75 -25.25
CA THR B 69 2.83 -14.50 -25.74
C THR B 69 2.02 -14.82 -26.99
N ASN B 70 1.41 -13.80 -27.59
CA ASN B 70 0.54 -14.03 -28.74
C ASN B 70 0.68 -12.86 -29.73
N SER B 71 -0.01 -12.98 -30.86
CA SER B 71 -0.07 -11.95 -31.89
C SER B 71 -0.86 -10.71 -31.43
N ARG B 77 8.11 -7.35 -34.05
CA ARG B 77 8.63 -8.65 -33.53
C ARG B 77 7.90 -9.03 -32.23
N ALA B 78 8.01 -10.30 -31.84
CA ALA B 78 7.42 -10.80 -30.60
C ALA B 78 8.50 -10.88 -29.51
N SER B 79 8.04 -11.00 -28.26
CA SER B 79 8.91 -10.79 -27.13
C SER B 79 8.39 -11.55 -25.92
N CYS B 80 9.31 -11.85 -25.00
CA CYS B 80 8.99 -12.77 -23.92
C CYS B 80 10.13 -12.74 -22.91
N SER B 81 9.78 -12.81 -21.62
CA SER B 81 10.71 -12.45 -20.58
C SER B 81 10.73 -13.47 -19.44
N PHE B 82 11.92 -13.67 -18.87
CA PHE B 82 12.13 -14.53 -17.72
C PHE B 82 12.72 -13.68 -16.60
N PHE B 83 12.52 -14.13 -15.34
CA PHE B 83 12.88 -13.32 -14.19
C PHE B 83 13.54 -14.16 -13.10
N LEU B 84 14.27 -13.47 -12.21
CA LEU B 84 14.77 -14.13 -11.03
C LEU B 84 13.56 -14.64 -10.27
N PRO B 85 13.64 -15.75 -9.51
CA PRO B 85 14.87 -16.50 -9.32
C PRO B 85 15.19 -17.59 -10.33
N ARG B 86 14.57 -17.58 -11.52
CA ARG B 86 14.83 -18.62 -12.52
C ARG B 86 15.90 -18.17 -13.52
N ILE B 87 16.93 -17.48 -13.03
CA ILE B 87 18.11 -17.16 -13.81
C ILE B 87 19.33 -17.43 -12.93
N THR B 88 20.34 -18.07 -13.49
CA THR B 88 21.62 -18.25 -12.81
C THR B 88 22.70 -17.73 -13.74
N ILE B 89 23.80 -17.21 -13.18
CA ILE B 89 24.89 -16.69 -13.98
C ILE B 89 26.19 -17.03 -13.27
N PRO B 90 27.22 -17.63 -13.93
CA PRO B 90 27.20 -17.92 -15.36
C PRO B 90 26.19 -18.99 -15.77
N ASP B 91 25.87 -19.05 -17.07
CA ASP B 91 25.01 -20.12 -17.57
C ASP B 91 25.15 -20.30 -19.07
N ASN B 92 24.98 -21.56 -19.49
CA ASN B 92 24.74 -21.97 -20.87
C ASN B 92 23.33 -22.53 -20.93
N TYR B 93 22.53 -21.97 -21.83
CA TYR B 93 21.10 -22.24 -21.83
C TYR B 93 20.69 -22.25 -23.29
N THR B 94 19.56 -22.92 -23.55
CA THR B 94 19.02 -23.04 -24.90
C THR B 94 17.63 -22.40 -24.92
N ILE B 95 17.28 -21.88 -26.11
CA ILE B 95 15.96 -21.31 -26.40
C ILE B 95 15.41 -21.97 -27.66
N GLU B 96 14.15 -22.40 -27.61
CA GLU B 96 13.41 -22.70 -28.82
C GLU B 96 12.02 -22.10 -28.68
N VAL B 97 11.53 -21.53 -29.79
CA VAL B 97 10.23 -20.88 -29.85
C VAL B 97 9.28 -21.78 -30.64
N GLU B 98 8.19 -22.18 -29.99
CA GLU B 98 7.13 -22.92 -30.63
C GLU B 98 6.00 -21.94 -30.95
N ALA B 99 5.48 -22.03 -32.18
CA ALA B 99 4.30 -21.31 -32.62
C ALA B 99 3.17 -22.29 -32.90
N GLU B 100 1.97 -21.96 -32.43
CA GLU B 100 0.78 -22.78 -32.61
C GLU B 100 -0.41 -21.90 -32.97
N ASN B 101 -1.03 -22.22 -34.12
CA ASN B 101 -2.29 -21.63 -34.54
C ASN B 101 -3.33 -22.75 -34.71
N GLY B 102 -4.48 -22.40 -35.30
CA GLY B 102 -5.53 -23.36 -35.59
C GLY B 102 -5.02 -24.51 -36.44
N ASP B 103 -4.22 -24.19 -37.48
CA ASP B 103 -3.73 -25.17 -38.44
C ASP B 103 -2.78 -26.17 -37.76
N GLY B 104 -1.91 -25.72 -36.84
CA GLY B 104 -1.03 -26.67 -36.15
C GLY B 104 0.13 -26.01 -35.40
N VAL B 105 1.18 -26.82 -35.15
CA VAL B 105 2.33 -26.43 -34.35
C VAL B 105 3.59 -26.44 -35.22
N ILE B 106 4.57 -25.60 -34.86
CA ILE B 106 5.89 -25.65 -35.48
C ILE B 106 6.90 -25.06 -34.50
N LYS B 107 8.10 -25.64 -34.48
CA LYS B 107 9.17 -25.20 -33.60
C LYS B 107 10.27 -24.54 -34.43
N SER B 108 10.92 -23.53 -33.82
CA SER B 108 12.07 -22.89 -34.41
C SER B 108 13.27 -23.82 -34.31
N HIS B 109 14.35 -23.43 -34.99
CA HIS B 109 15.66 -23.98 -34.70
C HIS B 109 16.01 -23.64 -33.26
N MET B 110 16.67 -24.60 -32.60
CA MET B 110 17.30 -24.42 -31.30
C MET B 110 18.35 -23.31 -31.38
N THR B 111 18.50 -22.53 -30.29
CA THR B 111 19.55 -21.53 -30.17
C THR B 111 20.27 -21.68 -28.84
N TYR B 112 21.55 -21.31 -28.85
CA TYR B 112 22.49 -21.60 -27.78
C TYR B 112 23.08 -20.28 -27.28
N TRP B 113 22.96 -20.05 -25.97
CA TRP B 113 23.33 -18.77 -25.38
C TRP B 113 24.24 -18.95 -24.17
N ARG B 114 25.23 -18.07 -24.06
CA ARG B 114 25.99 -17.92 -22.82
C ARG B 114 25.49 -16.64 -22.14
N LEU B 115 24.91 -16.77 -20.95
CA LEU B 115 24.21 -15.65 -20.34
C LEU B 115 25.13 -14.45 -20.15
N GLU B 116 26.39 -14.68 -19.76
CA GLU B 116 27.32 -13.61 -19.45
C GLU B 116 27.59 -12.78 -20.69
N ASN B 117 27.45 -13.42 -21.86
CA ASN B 117 27.75 -12.76 -23.12
C ASN B 117 26.66 -11.77 -23.52
N ILE B 118 25.48 -11.85 -22.89
CA ILE B 118 24.36 -11.02 -23.31
C ILE B 118 23.88 -10.19 -22.12
N ALA B 119 24.75 -10.02 -21.11
CA ALA B 119 24.39 -9.29 -19.90
C ALA B 119 24.59 -7.79 -20.14
N LYS B 120 23.56 -7.02 -19.83
CA LYS B 120 23.60 -5.57 -20.01
C LYS B 120 23.27 -4.93 -18.67
N THR B 121 24.10 -3.94 -18.29
CA THR B 121 23.93 -3.21 -17.04
C THR B 121 23.39 -1.82 -17.32
N GLU B 122 23.00 -1.14 -16.25
CA GLU B 122 22.69 0.27 -16.30
C GLU B 122 24.02 1.02 -16.47
N PRO B 123 24.01 2.30 -16.91
CA PRO B 123 25.25 3.04 -17.13
C PRO B 123 26.00 3.29 -15.82
N PRO B 124 27.31 3.63 -15.85
CA PRO B 124 27.98 4.14 -14.65
C PRO B 124 27.57 5.59 -14.41
N LYS B 125 28.07 6.19 -13.31
CA LYS B 125 27.83 7.59 -13.00
C LYS B 125 29.13 8.25 -12.55
N ILE B 126 29.58 9.24 -13.34
CA ILE B 126 30.79 9.98 -13.01
C ILE B 126 30.43 11.07 -12.01
N PHE B 127 31.23 11.17 -10.94
CA PHE B 127 30.96 12.18 -9.92
C PHE B 127 32.08 13.23 -9.91
N ARG B 128 33.25 12.91 -10.43
CA ARG B 128 34.40 13.81 -10.38
C ARG B 128 35.14 13.82 -11.73
N VAL B 129 35.44 15.02 -12.24
CA VAL B 129 36.17 15.21 -13.48
C VAL B 129 37.11 16.40 -13.31
N LYS B 130 38.30 16.15 -12.80
CA LYS B 130 39.29 17.19 -12.58
C LYS B 130 40.68 16.55 -12.56
N PRO B 131 41.76 17.32 -12.90
CA PRO B 131 43.11 16.78 -12.95
C PRO B 131 43.77 16.61 -11.58
N VAL B 132 44.85 15.80 -11.51
CA VAL B 132 45.69 15.70 -10.33
C VAL B 132 46.72 16.83 -10.38
N LEU B 133 47.06 17.39 -9.20
CA LEU B 133 47.82 18.62 -9.09
C LEU B 133 49.24 18.44 -9.63
N GLY B 134 49.66 19.40 -10.47
CA GLY B 134 51.04 19.49 -10.94
C GLY B 134 51.27 18.81 -12.29
N ILE B 135 50.37 17.89 -12.66
CA ILE B 135 50.56 17.02 -13.81
C ILE B 135 49.75 17.58 -14.99
N LYS B 136 50.48 17.89 -16.07
CA LYS B 136 49.95 18.63 -17.20
C LYS B 136 49.31 17.68 -18.21
N ARG B 137 48.46 18.26 -19.07
CA ARG B 137 47.88 17.56 -20.21
C ARG B 137 47.32 16.22 -19.77
N MET B 138 46.49 16.24 -18.72
CA MET B 138 45.81 15.05 -18.24
C MET B 138 44.66 15.41 -17.29
N ILE B 139 43.60 14.60 -17.36
CA ILE B 139 42.43 14.68 -16.50
C ILE B 139 42.21 13.32 -15.84
N GLN B 140 41.65 13.36 -14.61
CA GLN B 140 41.29 12.15 -13.89
C GLN B 140 39.77 12.09 -13.68
N ILE B 141 39.20 10.94 -14.09
CA ILE B 141 37.77 10.65 -13.98
C ILE B 141 37.61 9.62 -12.87
N GLU B 142 36.65 9.88 -11.95
CA GLU B 142 36.23 8.89 -10.96
C GLU B 142 34.71 8.74 -11.07
N TRP B 143 34.25 7.49 -11.01
CA TRP B 143 32.84 7.16 -11.14
C TRP B 143 32.50 6.09 -10.12
N ILE B 144 31.19 5.88 -9.89
CA ILE B 144 30.73 4.68 -9.22
C ILE B 144 30.25 3.71 -10.30
N LYS B 145 30.32 2.41 -9.99
CA LYS B 145 29.74 1.37 -10.82
C LYS B 145 28.21 1.52 -10.86
N PRO B 146 27.51 0.85 -11.80
CA PRO B 146 26.05 0.80 -11.76
C PRO B 146 25.70 0.06 -10.48
N GLU B 147 24.54 0.34 -9.91
CA GLU B 147 24.23 -0.19 -8.59
C GLU B 147 24.06 -1.72 -8.70
N LEU B 148 23.47 -2.20 -9.81
CA LEU B 148 23.37 -3.62 -10.06
C LEU B 148 24.42 -4.04 -11.09
N ALA B 149 25.37 -4.89 -10.67
CA ALA B 149 26.39 -5.43 -11.56
C ALA B 149 27.03 -6.66 -10.94
N PRO B 150 27.30 -7.74 -11.71
CA PRO B 150 27.80 -8.99 -11.13
C PRO B 150 29.24 -8.90 -10.63
N VAL B 151 29.40 -8.88 -9.30
CA VAL B 151 30.69 -8.68 -8.65
C VAL B 151 31.73 -9.71 -9.12
N SER B 152 31.27 -10.89 -9.55
CA SER B 152 32.14 -11.96 -10.04
C SER B 152 32.40 -11.82 -11.55
N SER B 153 32.64 -10.59 -12.01
CA SER B 153 32.93 -10.33 -13.42
C SER B 153 33.88 -9.15 -13.54
N ASP B 154 34.80 -9.23 -14.49
CA ASP B 154 35.60 -8.08 -14.87
C ASP B 154 34.69 -7.12 -15.64
N LEU B 155 34.98 -5.82 -15.55
CA LEU B 155 34.25 -4.81 -16.31
C LEU B 155 35.17 -4.21 -17.36
N LYS B 156 34.64 -4.02 -18.57
CA LYS B 156 35.31 -3.21 -19.58
C LYS B 156 34.56 -1.89 -19.69
N TYR B 157 35.22 -0.88 -20.26
CA TYR B 157 34.70 0.48 -20.26
C TYR B 157 35.10 1.17 -21.57
N THR B 158 34.25 2.09 -22.03
CA THR B 158 34.66 3.05 -23.05
C THR B 158 34.29 4.45 -22.55
N LEU B 159 35.29 5.33 -22.61
CA LEU B 159 35.18 6.71 -22.17
C LEU B 159 35.24 7.59 -23.41
N ARG B 160 34.15 8.28 -23.72
CA ARG B 160 34.15 9.19 -24.85
C ARG B 160 34.34 10.62 -24.34
N PHE B 161 35.12 11.41 -25.09
CA PHE B 161 35.47 12.78 -24.72
C PHE B 161 35.63 13.65 -25.96
N ARG B 162 35.05 14.86 -25.89
CA ARG B 162 35.17 15.89 -26.90
C ARG B 162 35.37 17.23 -26.19
N THR B 163 35.98 18.22 -26.84
CA THR B 163 36.07 19.54 -26.24
C THR B 163 34.73 20.26 -26.40
N VAL B 164 34.60 21.39 -25.70
CA VAL B 164 33.37 22.17 -25.64
C VAL B 164 32.79 22.34 -27.05
N ASN B 165 33.66 22.71 -28.00
CA ASN B 165 33.26 23.12 -29.33
C ASN B 165 33.15 21.89 -30.25
N SER B 166 33.89 20.81 -29.94
CA SER B 166 34.02 19.65 -30.81
C SER B 166 32.66 19.04 -31.15
N THR B 167 32.54 18.57 -32.40
CA THR B 167 31.34 17.88 -32.86
C THR B 167 31.55 16.37 -32.72
N SER B 168 32.68 15.87 -33.21
CA SER B 168 32.96 14.44 -33.19
C SER B 168 33.52 14.06 -31.82
N TRP B 169 33.19 12.82 -31.41
CA TRP B 169 33.75 12.22 -30.21
C TRP B 169 35.08 11.55 -30.53
N MET B 170 35.96 11.51 -29.52
CA MET B 170 37.03 10.54 -29.45
C MET B 170 36.65 9.55 -28.35
N GLU B 171 37.28 8.37 -28.40
CA GLU B 171 36.98 7.30 -27.47
C GLU B 171 38.31 6.67 -27.06
N VAL B 172 38.36 6.19 -25.82
CA VAL B 172 39.43 5.30 -25.40
C VAL B 172 38.76 4.17 -24.61
N ASN B 173 39.37 2.98 -24.63
CA ASN B 173 38.83 1.81 -23.95
C ASN B 173 39.78 1.42 -22.84
N PHE B 174 39.27 0.76 -21.80
CA PHE B 174 40.10 0.19 -20.76
C PHE B 174 39.27 -0.84 -20.01
N ALA B 175 39.97 -1.71 -19.27
CA ALA B 175 39.35 -2.77 -18.49
C ALA B 175 39.67 -2.56 -17.01
N LYS B 176 38.77 -3.02 -16.14
CA LYS B 176 39.01 -3.03 -14.70
C LYS B 176 38.72 -4.41 -14.15
N ASN B 177 39.63 -4.87 -13.29
CA ASN B 177 39.56 -6.19 -12.68
C ASN B 177 38.43 -6.17 -11.65
N ARG B 178 37.76 -7.32 -11.52
CA ARG B 178 36.72 -7.60 -10.53
C ARG B 178 37.15 -7.26 -9.11
N LYS B 179 38.45 -7.43 -8.80
CA LYS B 179 38.95 -7.20 -7.46
C LYS B 179 39.51 -5.77 -7.30
N ASP B 180 39.73 -5.07 -8.42
CA ASP B 180 40.30 -3.73 -8.37
C ASP B 180 39.23 -2.75 -7.86
N LYS B 181 39.46 -2.19 -6.66
CA LYS B 181 38.52 -1.26 -6.03
C LYS B 181 38.75 0.17 -6.52
N ASN B 182 39.87 0.43 -7.21
CA ASN B 182 40.18 1.77 -7.70
C ASN B 182 39.42 2.04 -9.00
N GLN B 183 38.42 2.93 -8.90
CA GLN B 183 37.57 3.31 -10.02
C GLN B 183 37.94 4.70 -10.54
N THR B 184 39.22 4.86 -10.91
CA THR B 184 39.70 6.08 -11.54
C THR B 184 40.32 5.74 -12.89
N TYR B 185 40.61 6.78 -13.68
CA TYR B 185 41.32 6.60 -14.93
C TYR B 185 42.01 7.91 -15.32
N ASN B 186 43.30 7.79 -15.64
CA ASN B 186 44.11 8.93 -16.04
C ASN B 186 44.03 9.06 -17.57
N LEU B 187 43.41 10.16 -18.03
CA LEU B 187 43.26 10.46 -19.44
C LEU B 187 44.34 11.46 -19.86
N THR B 188 45.41 10.95 -20.50
CA THR B 188 46.55 11.77 -20.87
C THR B 188 46.44 12.21 -22.34
N GLY B 189 47.50 12.78 -22.88
CA GLY B 189 47.58 13.13 -24.30
C GLY B 189 46.64 14.28 -24.68
N LEU B 190 46.21 15.09 -23.71
CA LEU B 190 45.22 16.13 -23.94
C LEU B 190 45.93 17.45 -24.22
N GLN B 191 45.13 18.49 -24.53
CA GLN B 191 45.65 19.84 -24.75
C GLN B 191 45.61 20.62 -23.43
N PRO B 192 46.49 21.63 -23.26
CA PRO B 192 46.46 22.48 -22.08
C PRO B 192 45.34 23.53 -22.08
N PHE B 193 44.83 23.83 -20.88
CA PHE B 193 43.71 24.75 -20.65
C PHE B 193 42.63 24.60 -21.72
N THR B 194 42.18 23.35 -21.94
CA THR B 194 40.99 23.09 -22.73
C THR B 194 39.99 22.40 -21.82
N GLU B 195 38.69 22.62 -22.08
CA GLU B 195 37.62 21.98 -21.32
C GLU B 195 36.98 20.86 -22.16
N TYR B 196 36.91 19.66 -21.57
CA TYR B 196 36.41 18.46 -22.24
C TYR B 196 35.08 18.03 -21.63
N VAL B 197 34.09 17.74 -22.50
CA VAL B 197 32.87 17.03 -22.13
C VAL B 197 33.17 15.54 -22.15
N ILE B 198 32.57 14.76 -21.22
CA ILE B 198 32.91 13.36 -21.06
C ILE B 198 31.66 12.56 -20.72
N ALA B 199 31.60 11.32 -21.25
CA ALA B 199 30.57 10.34 -20.94
C ALA B 199 31.24 8.96 -20.83
N LEU B 200 30.59 8.03 -20.09
CA LEU B 200 31.19 6.75 -19.76
C LEU B 200 30.16 5.63 -19.88
N ARG B 201 30.65 4.47 -20.32
CA ARG B 201 29.81 3.27 -20.45
C ARG B 201 30.64 2.05 -20.06
N CYS B 202 29.92 1.04 -19.58
CA CYS B 202 30.53 -0.19 -19.09
C CYS B 202 29.72 -1.40 -19.57
N ALA B 203 30.36 -2.56 -19.42
CA ALA B 203 29.74 -3.86 -19.61
C ALA B 203 30.65 -4.89 -18.97
N VAL B 204 30.11 -6.03 -18.56
CA VAL B 204 30.97 -7.14 -18.19
C VAL B 204 31.91 -7.44 -19.37
N LYS B 205 33.11 -7.95 -19.07
CA LYS B 205 34.17 -8.09 -20.05
C LYS B 205 33.68 -8.89 -21.26
N GLU B 206 32.88 -9.93 -20.98
CA GLU B 206 32.54 -10.98 -21.92
C GLU B 206 31.27 -10.62 -22.69
N SER B 207 30.66 -9.48 -22.39
CA SER B 207 29.37 -9.18 -22.98
C SER B 207 29.53 -8.31 -24.20
N LYS B 208 28.63 -8.55 -25.14
CA LYS B 208 28.46 -7.78 -26.36
C LYS B 208 27.65 -6.52 -26.10
N PHE B 209 26.86 -6.47 -25.00
CA PHE B 209 25.92 -5.38 -24.81
C PHE B 209 26.46 -4.33 -23.85
N TRP B 210 26.92 -3.19 -24.42
CA TRP B 210 27.38 -2.06 -23.64
C TRP B 210 26.21 -1.40 -22.93
N SER B 211 26.48 -0.83 -21.76
CA SER B 211 25.50 0.07 -21.16
C SER B 211 25.30 1.28 -22.07
N ASP B 212 24.16 1.96 -21.88
CA ASP B 212 23.92 3.28 -22.44
C ASP B 212 25.00 4.20 -21.90
N TRP B 213 25.28 5.29 -22.61
CA TRP B 213 26.28 6.23 -22.13
C TRP B 213 25.80 6.84 -20.82
N SER B 214 26.74 7.15 -19.92
CA SER B 214 26.43 7.92 -18.73
C SER B 214 25.99 9.32 -19.13
N GLN B 215 25.44 10.06 -18.15
CA GLN B 215 25.24 11.49 -18.30
C GLN B 215 26.61 12.16 -18.48
N GLU B 216 26.61 13.23 -19.26
CA GLU B 216 27.85 13.88 -19.64
C GLU B 216 28.32 14.72 -18.45
N LYS B 217 29.65 14.85 -18.29
CA LYS B 217 30.26 15.68 -17.26
C LYS B 217 31.47 16.39 -17.87
N MET B 218 31.91 17.49 -17.22
CA MET B 218 32.93 18.37 -17.77
C MET B 218 34.06 18.57 -16.77
N GLY B 219 35.24 18.98 -17.27
CA GLY B 219 36.40 19.29 -16.46
C GLY B 219 37.46 20.00 -17.31
N MET B 220 38.56 20.44 -16.68
CA MET B 220 39.59 21.17 -17.43
C MET B 220 41.00 20.76 -16.97
N THR B 221 41.95 20.76 -17.92
CA THR B 221 43.36 20.47 -17.64
C THR B 221 44.03 21.69 -17.03
N GLU B 222 45.24 21.48 -16.48
CA GLU B 222 46.05 22.56 -15.95
C GLU B 222 46.85 23.21 -17.09
N GLU B 223 47.29 24.44 -16.86
CA GLU B 223 48.09 25.19 -17.83
C GLU B 223 49.52 24.67 -17.83
N GLY B 224 50.21 24.81 -18.98
CA GLY B 224 51.62 24.50 -19.11
C GLY B 224 51.83 23.06 -19.59
N THR B 225 53.09 22.61 -19.65
CA THR B 225 53.41 21.25 -20.05
C THR B 225 54.54 20.65 -19.19
N SER B 226 54.90 21.31 -18.08
CA SER B 226 55.95 20.82 -17.19
C SER B 226 55.42 19.64 -16.34
N GLN C 18 -19.66 12.91 -9.82
CA GLN C 18 -20.63 12.44 -8.80
C GLN C 18 -19.96 11.41 -7.89
N VAL C 19 -20.51 11.24 -6.69
CA VAL C 19 -19.96 10.27 -5.76
C VAL C 19 -20.25 8.86 -6.26
N GLN C 20 -19.18 8.06 -6.38
CA GLN C 20 -19.29 6.66 -6.71
C GLN C 20 -18.31 5.79 -5.92
N LEU C 21 -18.82 4.66 -5.46
CA LEU C 21 -18.08 3.55 -4.88
C LEU C 21 -18.23 2.31 -5.76
N VAL C 22 -17.09 1.89 -6.35
CA VAL C 22 -17.01 0.73 -7.22
C VAL C 22 -16.21 -0.35 -6.52
N GLN C 23 -16.88 -1.46 -6.19
CA GLN C 23 -16.26 -2.56 -5.50
C GLN C 23 -15.70 -3.58 -6.51
N SER C 24 -14.82 -4.43 -6.01
CA SER C 24 -14.24 -5.53 -6.75
C SER C 24 -15.26 -6.65 -6.95
N GLY C 25 -14.89 -7.57 -7.85
CA GLY C 25 -15.82 -8.57 -8.36
C GLY C 25 -16.00 -9.73 -7.37
N ALA C 26 -16.87 -10.65 -7.75
CA ALA C 26 -17.22 -11.74 -6.85
C ALA C 26 -16.01 -12.64 -6.55
N GLU C 27 -16.12 -13.33 -5.43
CA GLU C 27 -15.07 -14.18 -4.90
C GLU C 27 -15.70 -15.49 -4.44
N VAL C 28 -14.97 -16.58 -4.64
CA VAL C 28 -15.36 -17.86 -4.07
C VAL C 28 -14.14 -18.39 -3.33
N LYS C 29 -14.38 -18.86 -2.09
CA LYS C 29 -13.29 -19.17 -1.17
C LYS C 29 -13.63 -20.44 -0.42
N LYS C 30 -12.59 -21.18 -0.05
CA LYS C 30 -12.79 -22.39 0.74
C LYS C 30 -12.89 -21.99 2.20
N PRO C 31 -13.65 -22.74 3.00
CA PRO C 31 -13.65 -22.57 4.45
C PRO C 31 -12.22 -22.46 4.98
N GLY C 32 -11.93 -21.42 5.76
CA GLY C 32 -10.60 -21.27 6.36
C GLY C 32 -9.66 -20.40 5.53
N ALA C 33 -10.04 -20.03 4.31
CA ALA C 33 -9.29 -19.05 3.56
C ALA C 33 -9.60 -17.64 4.07
N SER C 34 -8.95 -16.63 3.49
CA SER C 34 -9.35 -15.26 3.73
C SER C 34 -9.68 -14.62 2.39
N VAL C 35 -10.34 -13.46 2.46
CA VAL C 35 -10.79 -12.71 1.29
C VAL C 35 -10.56 -11.23 1.60
N LYS C 36 -10.12 -10.50 0.57
CA LYS C 36 -9.91 -9.07 0.62
C LYS C 36 -10.72 -8.41 -0.49
N VAL C 37 -11.68 -7.55 -0.10
CA VAL C 37 -12.54 -6.85 -1.04
C VAL C 37 -12.12 -5.38 -1.10
N SER C 38 -12.17 -4.79 -2.28
CA SER C 38 -11.77 -3.41 -2.47
C SER C 38 -12.97 -2.56 -2.86
N CYS C 39 -12.83 -1.27 -2.57
CA CYS C 39 -13.88 -0.26 -2.74
C CYS C 39 -13.23 1.04 -3.18
N LYS C 40 -13.30 1.31 -4.48
CA LYS C 40 -12.64 2.45 -5.10
C LYS C 40 -13.60 3.63 -5.12
N ALA C 41 -13.16 4.73 -4.52
CA ALA C 41 -14.01 5.91 -4.39
C ALA C 41 -13.60 6.95 -5.43
N SER C 42 -14.59 7.65 -5.97
CA SER C 42 -14.31 8.77 -6.85
C SER C 42 -15.41 9.82 -6.69
N GLY C 43 -15.09 11.05 -7.10
CA GLY C 43 -16.06 12.15 -7.15
C GLY C 43 -16.09 12.97 -5.86
N TYR C 44 -15.10 12.74 -4.96
CA TYR C 44 -15.03 13.50 -3.72
C TYR C 44 -13.65 13.33 -3.10
N THR C 45 -13.34 14.10 -2.06
CA THR C 45 -12.09 14.01 -1.34
C THR C 45 -12.16 12.82 -0.40
N PHE C 46 -11.34 11.80 -0.68
CA PHE C 46 -11.45 10.50 -0.06
C PHE C 46 -11.27 10.59 1.46
N THR C 47 -10.29 11.36 1.92
CA THR C 47 -9.94 11.45 3.33
C THR C 47 -10.98 12.23 4.13
N GLY C 48 -11.92 12.91 3.47
CA GLY C 48 -12.90 13.72 4.18
C GLY C 48 -14.09 12.95 4.75
N TYR C 49 -14.23 11.64 4.44
CA TYR C 49 -15.47 10.90 4.73
C TYR C 49 -15.16 9.51 5.28
N ILE C 50 -15.88 9.16 6.36
CA ILE C 50 -15.82 7.82 6.94
C ILE C 50 -16.38 6.80 5.95
N MET C 51 -15.66 5.68 5.80
CA MET C 51 -16.08 4.55 5.00
C MET C 51 -16.43 3.35 5.90
N ASN C 52 -17.65 2.85 5.69
CA ASN C 52 -18.20 1.76 6.47
C ASN C 52 -18.26 0.49 5.61
N TRP C 53 -18.32 -0.65 6.29
CA TRP C 53 -18.54 -1.92 5.62
C TRP C 53 -19.69 -2.64 6.30
N VAL C 54 -20.53 -3.25 5.44
CA VAL C 54 -21.76 -3.88 5.86
C VAL C 54 -21.93 -5.13 5.02
N ARG C 55 -22.52 -6.18 5.59
CA ARG C 55 -22.78 -7.35 4.80
C ARG C 55 -24.23 -7.80 4.97
N GLN C 56 -24.64 -8.63 4.01
CA GLN C 56 -25.97 -9.20 3.99
C GLN C 56 -25.86 -10.62 3.44
N ALA C 57 -26.14 -11.61 4.31
CA ALA C 57 -26.24 -12.99 3.88
C ALA C 57 -27.51 -13.17 3.06
N PRO C 58 -27.58 -14.18 2.17
CA PRO C 58 -28.72 -14.35 1.26
C PRO C 58 -30.06 -14.50 1.99
N GLY C 59 -31.03 -13.63 1.66
CA GLY C 59 -32.33 -13.65 2.31
C GLY C 59 -32.32 -13.19 3.78
N GLN C 60 -31.24 -12.53 4.24
CA GLN C 60 -31.14 -12.12 5.63
C GLN C 60 -31.04 -10.59 5.71
N GLY C 61 -30.89 -10.05 6.94
CA GLY C 61 -30.78 -8.63 7.17
C GLY C 61 -29.35 -8.10 7.00
N LEU C 62 -29.18 -6.84 7.41
CA LEU C 62 -27.94 -6.11 7.27
C LEU C 62 -27.15 -6.22 8.57
N GLU C 63 -25.84 -6.36 8.44
CA GLU C 63 -24.96 -6.48 9.57
C GLU C 63 -23.79 -5.53 9.37
N TRP C 64 -23.55 -4.65 10.34
CA TRP C 64 -22.43 -3.72 10.28
C TRP C 64 -21.14 -4.41 10.71
N MET C 65 -20.08 -4.23 9.92
CA MET C 65 -18.83 -4.92 10.18
C MET C 65 -17.83 -3.98 10.84
N GLY C 66 -17.70 -2.76 10.31
CA GLY C 66 -16.79 -1.80 10.88
C GLY C 66 -16.65 -0.58 9.98
N LEU C 67 -15.79 0.37 10.40
CA LEU C 67 -15.50 1.53 9.60
C LEU C 67 -14.02 1.89 9.68
N ILE C 68 -13.62 2.74 8.76
CA ILE C 68 -12.32 3.38 8.83
C ILE C 68 -12.49 4.86 8.51
N ASN C 69 -11.68 5.67 9.18
CA ASN C 69 -11.49 7.06 8.86
C ASN C 69 -10.22 7.15 8.02
N PRO C 70 -10.31 7.45 6.69
CA PRO C 70 -9.12 7.47 5.85
C PRO C 70 -8.19 8.64 6.16
N TYR C 71 -8.69 9.65 6.90
CA TYR C 71 -7.88 10.77 7.31
C TYR C 71 -6.67 10.31 8.14
N ASN C 72 -6.85 9.41 9.11
CA ASN C 72 -5.73 9.02 9.96
C ASN C 72 -5.59 7.50 10.12
N GLY C 73 -6.39 6.69 9.39
CA GLY C 73 -6.33 5.24 9.45
C GLY C 73 -7.10 4.65 10.64
N GLY C 74 -7.74 5.49 11.46
CA GLY C 74 -8.46 5.00 12.62
C GLY C 74 -9.56 4.04 12.22
N THR C 75 -9.66 2.91 12.92
CA THR C 75 -10.70 1.94 12.64
C THR C 75 -11.53 1.68 13.88
N ASP C 76 -12.69 1.07 13.65
CA ASP C 76 -13.68 0.73 14.65
C ASP C 76 -14.45 -0.46 14.11
N TYR C 77 -14.36 -1.58 14.81
CA TYR C 77 -14.90 -2.86 14.36
C TYR C 77 -16.05 -3.28 15.25
N ASN C 78 -17.07 -3.89 14.62
CA ASN C 78 -18.05 -4.67 15.34
C ASN C 78 -17.33 -5.78 16.11
N PRO C 79 -17.48 -5.89 17.45
CA PRO C 79 -16.81 -6.96 18.21
C PRO C 79 -17.26 -8.38 17.84
N GLN C 80 -18.42 -8.56 17.22
CA GLN C 80 -18.77 -9.89 16.77
C GLN C 80 -17.82 -10.39 15.68
N PHE C 81 -17.07 -9.51 14.99
CA PHE C 81 -16.08 -9.88 14.00
C PHE C 81 -14.69 -9.28 14.26
N GLN C 82 -14.54 -8.52 15.36
CA GLN C 82 -13.39 -7.65 15.60
C GLN C 82 -12.05 -8.31 15.24
N ASP C 83 -11.91 -9.58 15.66
CA ASP C 83 -10.73 -10.37 15.42
C ASP C 83 -10.48 -10.57 13.91
N ARG C 84 -11.49 -11.01 13.16
CA ARG C 84 -11.31 -11.56 11.83
C ARG C 84 -11.30 -10.48 10.76
N VAL C 85 -11.78 -9.25 11.08
CA VAL C 85 -11.96 -8.20 10.09
C VAL C 85 -10.78 -7.22 10.18
N THR C 86 -10.21 -6.82 9.04
CA THR C 86 -9.23 -5.74 8.96
C THR C 86 -9.69 -4.80 7.85
N ILE C 87 -9.89 -3.53 8.19
CA ILE C 87 -10.24 -2.53 7.21
C ILE C 87 -9.04 -1.61 7.09
N THR C 88 -8.61 -1.38 5.85
CA THR C 88 -7.50 -0.50 5.55
C THR C 88 -7.98 0.50 4.49
N ALA C 89 -7.17 1.53 4.24
CA ALA C 89 -7.47 2.54 3.24
C ALA C 89 -6.17 3.09 2.67
N ASP C 90 -6.14 3.31 1.35
CA ASP C 90 -4.97 3.82 0.65
C ASP C 90 -5.36 5.15 -0.02
N LYS C 91 -4.88 6.24 0.58
CA LYS C 91 -5.14 7.60 0.14
C LYS C 91 -4.73 7.76 -1.31
N SER C 92 -3.60 7.17 -1.69
CA SER C 92 -3.02 7.45 -3.00
C SER C 92 -3.95 6.96 -4.12
N THR C 93 -4.80 5.96 -3.84
CA THR C 93 -5.69 5.38 -4.85
C THR C 93 -7.16 5.57 -4.50
N SER C 94 -7.48 6.25 -3.39
CA SER C 94 -8.86 6.42 -2.98
C SER C 94 -9.58 5.07 -2.88
N THR C 95 -8.93 4.09 -2.26
CA THR C 95 -9.52 2.76 -2.19
C THR C 95 -9.54 2.32 -0.74
N ALA C 96 -10.68 1.80 -0.32
CA ALA C 96 -10.77 1.11 0.96
C ALA C 96 -10.80 -0.39 0.73
N TYR C 97 -10.36 -1.14 1.76
CA TYR C 97 -10.33 -2.59 1.71
C TYR C 97 -10.94 -3.19 2.98
N MET C 98 -11.68 -4.28 2.80
CA MET C 98 -12.15 -5.08 3.90
C MET C 98 -11.63 -6.51 3.71
N GLU C 99 -10.84 -6.97 4.69
CA GLU C 99 -10.42 -8.35 4.75
C GLU C 99 -11.18 -9.07 5.86
N LEU C 100 -11.77 -10.24 5.50
CA LEU C 100 -12.30 -11.20 6.45
C LEU C 100 -11.48 -12.50 6.45
N SER C 101 -10.96 -12.86 7.62
CA SER C 101 -10.07 -14.00 7.81
C SER C 101 -10.87 -15.19 8.34
N SER C 102 -10.31 -16.40 8.20
CA SER C 102 -10.92 -17.62 8.74
C SER C 102 -12.37 -17.77 8.28
N LEU C 103 -12.56 -17.72 6.96
CA LEU C 103 -13.91 -17.78 6.41
C LEU C 103 -14.61 -19.09 6.81
N ARG C 104 -15.90 -18.97 7.12
CA ARG C 104 -16.77 -20.12 7.30
C ARG C 104 -17.98 -19.94 6.38
N SER C 105 -18.75 -21.02 6.23
CA SER C 105 -19.82 -21.05 5.25
C SER C 105 -20.85 -19.97 5.55
N GLU C 106 -21.05 -19.68 6.84
CA GLU C 106 -21.98 -18.66 7.29
C GLU C 106 -21.51 -17.25 6.88
N ASP C 107 -20.25 -17.08 6.43
CA ASP C 107 -19.79 -15.81 5.90
C ASP C 107 -20.18 -15.57 4.45
N THR C 108 -20.88 -16.53 3.81
CA THR C 108 -21.36 -16.29 2.46
C THR C 108 -22.32 -15.10 2.52
N ALA C 109 -22.04 -14.05 1.74
CA ALA C 109 -22.83 -12.83 1.81
C ALA C 109 -22.40 -11.84 0.74
N VAL C 110 -23.22 -10.81 0.51
CA VAL C 110 -22.82 -9.65 -0.26
C VAL C 110 -22.23 -8.63 0.72
N TYR C 111 -21.05 -8.12 0.36
CA TYR C 111 -20.27 -7.21 1.19
C TYR C 111 -20.32 -5.84 0.53
N TYR C 112 -20.74 -4.82 1.30
CA TYR C 112 -20.90 -3.47 0.77
C TYR C 112 -19.99 -2.50 1.53
N CYS C 113 -19.37 -1.58 0.80
CA CYS C 113 -18.81 -0.37 1.37
C CYS C 113 -19.86 0.74 1.24
N ALA C 114 -19.84 1.65 2.21
CA ALA C 114 -20.78 2.76 2.19
C ALA C 114 -20.16 3.98 2.85
N ARG C 115 -20.26 5.11 2.14
CA ARG C 115 -19.75 6.37 2.64
C ARG C 115 -20.77 6.99 3.59
N ASP C 116 -20.26 7.55 4.70
CA ASP C 116 -21.03 8.35 5.63
C ASP C 116 -20.83 9.81 5.26
N GLY C 117 -21.90 10.50 4.85
CA GLY C 117 -21.75 11.75 4.12
C GLY C 117 -22.60 12.92 4.66
N TYR C 118 -23.58 12.69 5.54
CA TYR C 118 -24.43 13.78 6.01
C TYR C 118 -23.75 14.48 7.19
N ASP C 119 -23.44 15.76 7.00
CA ASP C 119 -22.79 16.58 8.02
C ASP C 119 -23.55 16.58 9.35
N ASP C 120 -24.89 16.51 9.29
CA ASP C 120 -25.71 16.52 10.49
C ASP C 120 -26.20 15.12 10.84
N GLY C 121 -25.63 14.07 10.22
CA GLY C 121 -26.10 12.71 10.46
C GLY C 121 -24.97 11.68 10.38
N PRO C 122 -23.90 11.81 11.20
CA PRO C 122 -22.80 10.84 11.18
C PRO C 122 -23.31 9.47 11.61
N TYR C 123 -22.63 8.42 11.16
CA TYR C 123 -23.01 7.04 11.43
C TYR C 123 -24.19 6.62 10.53
N THR C 124 -24.55 7.42 9.51
CA THR C 124 -25.54 6.94 8.54
C THR C 124 -24.83 6.65 7.22
N LEU C 125 -25.50 5.86 6.36
CA LEU C 125 -24.88 5.31 5.16
C LEU C 125 -25.59 5.91 3.95
N GLU C 126 -24.97 6.94 3.37
CA GLU C 126 -25.63 7.74 2.36
C GLU C 126 -25.28 7.30 0.94
N THR C 127 -24.05 6.85 0.66
CA THR C 127 -23.69 6.34 -0.66
C THR C 127 -23.12 4.94 -0.50
N TRP C 128 -23.62 4.02 -1.33
CA TRP C 128 -23.26 2.61 -1.30
C TRP C 128 -22.58 2.20 -2.58
N GLY C 129 -21.60 1.30 -2.45
CA GLY C 129 -21.12 0.57 -3.60
C GLY C 129 -22.16 -0.45 -4.05
N GLN C 130 -21.89 -1.13 -5.18
CA GLN C 130 -22.83 -2.06 -5.77
C GLN C 130 -22.76 -3.38 -5.02
N GLY C 131 -21.75 -3.57 -4.15
CA GLY C 131 -21.69 -4.82 -3.40
C GLY C 131 -20.80 -5.88 -4.06
N THR C 132 -20.30 -6.82 -3.24
CA THR C 132 -19.41 -7.89 -3.68
C THR C 132 -19.91 -9.18 -3.04
N LEU C 133 -20.25 -10.16 -3.88
CA LEU C 133 -20.63 -11.49 -3.41
C LEU C 133 -19.37 -12.29 -3.10
N VAL C 134 -19.28 -12.73 -1.85
CA VAL C 134 -18.27 -13.68 -1.41
C VAL C 134 -19.03 -14.94 -1.02
N THR C 135 -18.71 -16.03 -1.72
CA THR C 135 -19.32 -17.30 -1.43
C THR C 135 -18.24 -18.17 -0.82
N VAL C 136 -18.61 -18.86 0.26
CA VAL C 136 -17.67 -19.70 0.98
C VAL C 136 -18.15 -21.14 0.88
N SER C 137 -17.36 -21.98 0.21
CA SER C 137 -17.79 -23.33 -0.08
C SER C 137 -16.59 -24.18 -0.44
N SER C 138 -16.78 -25.51 -0.34
CA SER C 138 -15.81 -26.48 -0.83
C SER C 138 -15.39 -26.18 -2.28
N GLY C 139 -16.27 -25.54 -3.08
CA GLY C 139 -16.04 -25.23 -4.49
C GLY C 139 -15.16 -24.00 -4.75
N GLY C 140 -14.51 -23.47 -3.70
CA GLY C 140 -13.60 -22.33 -3.83
C GLY C 140 -12.28 -22.72 -4.47
N GLY C 150 4.84 -20.57 -9.56
CA GLY C 150 4.62 -21.92 -9.03
C GLY C 150 5.47 -22.93 -9.78
N GLY C 151 6.42 -23.57 -9.07
CA GLY C 151 7.41 -24.43 -9.70
C GLY C 151 6.96 -25.89 -9.79
N GLY C 152 5.93 -26.27 -9.01
CA GLY C 152 5.36 -27.61 -9.01
C GLY C 152 6.35 -28.73 -8.69
N SER C 153 7.45 -28.45 -7.97
CA SER C 153 8.30 -29.52 -7.46
C SER C 153 7.58 -30.23 -6.31
N ASP C 154 7.94 -31.49 -6.07
CA ASP C 154 7.38 -32.28 -4.99
C ASP C 154 8.50 -33.08 -4.35
N ILE C 155 9.41 -32.35 -3.70
CA ILE C 155 10.67 -32.90 -3.24
C ILE C 155 10.66 -32.89 -1.72
N GLN C 156 10.87 -34.07 -1.14
CA GLN C 156 11.07 -34.21 0.30
C GLN C 156 12.55 -34.41 0.56
N MET C 157 13.04 -33.75 1.61
CA MET C 157 14.39 -33.91 2.11
C MET C 157 14.35 -34.57 3.49
N THR C 158 15.09 -35.66 3.68
CA THR C 158 15.19 -36.25 5.01
C THR C 158 16.64 -36.15 5.48
N GLN C 159 16.84 -35.86 6.76
CA GLN C 159 18.19 -35.76 7.29
C GLN C 159 18.41 -36.87 8.30
N SER C 160 19.67 -37.29 8.44
CA SER C 160 19.99 -38.29 9.44
C SER C 160 21.36 -37.99 10.05
N PRO C 161 21.57 -38.18 11.37
CA PRO C 161 20.48 -38.49 12.33
C PRO C 161 19.80 -37.19 12.76
N SER C 162 18.71 -37.27 13.54
CA SER C 162 18.03 -36.07 14.00
C SER C 162 18.82 -35.39 15.13
N SER C 163 19.60 -36.17 15.88
CA SER C 163 20.54 -35.58 16.81
C SER C 163 21.75 -36.49 16.92
N LEU C 164 22.90 -35.94 17.27
CA LEU C 164 24.03 -36.74 17.69
C LEU C 164 24.84 -35.99 18.76
N SER C 165 25.66 -36.75 19.48
CA SER C 165 26.53 -36.29 20.54
C SER C 165 27.97 -36.42 20.08
N ALA C 166 28.73 -35.33 20.16
CA ALA C 166 30.12 -35.35 19.74
C ALA C 166 30.96 -34.51 20.70
N SER C 167 32.27 -34.65 20.52
CA SER C 167 33.27 -33.94 21.28
C SER C 167 34.02 -32.99 20.36
N VAL C 168 34.55 -31.93 20.95
CA VAL C 168 35.46 -31.03 20.27
C VAL C 168 36.55 -31.87 19.62
N GLY C 169 36.87 -31.60 18.36
CA GLY C 169 37.96 -32.28 17.67
C GLY C 169 37.50 -33.47 16.82
N ASP C 170 36.28 -33.95 17.05
CA ASP C 170 35.74 -35.08 16.31
C ASP C 170 35.42 -34.64 14.88
N ARG C 171 35.55 -35.59 13.96
CA ARG C 171 35.06 -35.48 12.61
C ARG C 171 33.59 -35.86 12.63
N VAL C 172 32.73 -35.01 12.08
CA VAL C 172 31.29 -35.27 12.07
C VAL C 172 30.80 -35.18 10.63
N THR C 173 29.89 -36.10 10.28
CA THR C 173 29.28 -36.16 8.96
C THR C 173 27.76 -36.29 9.15
N ILE C 174 27.00 -35.43 8.47
CA ILE C 174 25.55 -35.38 8.53
C ILE C 174 25.04 -35.67 7.13
N THR C 175 23.92 -36.37 7.02
CA THR C 175 23.47 -36.79 5.71
C THR C 175 22.12 -36.17 5.40
N CYS C 176 21.87 -35.98 4.12
CA CYS C 176 20.63 -35.44 3.63
C CYS C 176 20.21 -36.28 2.44
N GLN C 177 18.93 -36.66 2.37
CA GLN C 177 18.44 -37.44 1.25
C GLN C 177 17.26 -36.74 0.59
N ALA C 178 17.31 -36.61 -0.74
CA ALA C 178 16.19 -36.10 -1.54
C ALA C 178 15.36 -37.25 -2.11
N SER C 179 14.04 -37.09 -2.15
CA SER C 179 13.13 -38.08 -2.69
C SER C 179 13.34 -38.26 -4.19
N GLU C 180 14.04 -37.32 -4.84
CA GLU C 180 14.24 -37.32 -6.28
C GLU C 180 15.63 -36.78 -6.60
N ASP C 181 16.12 -37.15 -7.79
CA ASP C 181 17.37 -36.63 -8.35
C ASP C 181 17.26 -35.10 -8.41
N ILE C 182 18.10 -34.38 -7.65
CA ILE C 182 18.15 -32.92 -7.72
C ILE C 182 19.54 -32.42 -8.08
N TYR C 183 20.29 -33.22 -8.86
CA TYR C 183 21.63 -32.90 -9.31
C TYR C 183 22.44 -32.42 -8.10
N SER C 184 23.02 -31.21 -8.18
CA SER C 184 23.82 -30.70 -7.09
C SER C 184 23.15 -29.50 -6.41
N PHE C 185 21.82 -29.35 -6.51
CA PHE C 185 21.14 -28.17 -5.97
C PHE C 185 20.72 -28.35 -4.51
N VAL C 186 21.73 -28.42 -3.62
CA VAL C 186 21.49 -28.56 -2.20
C VAL C 186 22.29 -27.49 -1.46
N ALA C 187 21.66 -26.94 -0.41
CA ALA C 187 22.28 -25.99 0.50
C ALA C 187 22.24 -26.51 1.93
N TRP C 188 23.24 -26.10 2.71
CA TRP C 188 23.33 -26.41 4.14
C TRP C 188 23.39 -25.12 4.96
N TYR C 189 22.62 -25.13 6.05
CA TYR C 189 22.51 -24.01 6.97
C TYR C 189 22.88 -24.50 8.36
N GLN C 190 23.51 -23.58 9.10
CA GLN C 190 23.77 -23.74 10.53
C GLN C 190 22.88 -22.76 11.28
N GLN C 191 22.27 -23.26 12.34
CA GLN C 191 21.49 -22.43 13.24
C GLN C 191 21.97 -22.64 14.67
N LYS C 192 22.55 -21.58 15.25
CA LYS C 192 22.91 -21.59 16.66
C LYS C 192 21.65 -21.33 17.48
N PRO C 193 21.59 -21.71 18.77
CA PRO C 193 20.42 -21.37 19.60
C PRO C 193 20.06 -19.88 19.59
N GLY C 194 18.79 -19.58 19.31
CA GLY C 194 18.27 -18.22 19.37
C GLY C 194 18.62 -17.34 18.17
N LYS C 195 19.24 -17.91 17.13
CA LYS C 195 19.77 -17.13 16.02
C LYS C 195 19.06 -17.52 14.74
N ALA C 196 19.17 -16.66 13.72
CA ALA C 196 18.73 -16.96 12.38
C ALA C 196 19.65 -18.02 11.79
N PRO C 197 19.17 -18.91 10.90
CA PRO C 197 20.07 -19.75 10.11
C PRO C 197 21.09 -18.92 9.35
N LYS C 198 22.25 -19.52 9.10
CA LYS C 198 23.28 -18.96 8.23
C LYS C 198 23.63 -20.01 7.18
N LEU C 199 23.75 -19.57 5.93
CA LEU C 199 24.13 -20.44 4.83
C LEU C 199 25.62 -20.81 4.94
N LEU C 200 25.90 -22.12 4.86
CA LEU C 200 27.27 -22.63 4.84
C LEU C 200 27.68 -23.00 3.43
N ILE C 201 26.83 -23.82 2.76
CA ILE C 201 27.14 -24.48 1.51
C ILE C 201 25.97 -24.30 0.55
N TYR C 202 26.23 -24.10 -0.75
CA TYR C 202 25.19 -24.21 -1.78
C TYR C 202 25.79 -24.90 -3.02
N ASN C 203 24.92 -25.34 -3.94
CA ASN C 203 25.36 -26.18 -5.05
C ASN C 203 26.14 -27.39 -4.53
N ALA C 204 25.68 -27.93 -3.39
CA ALA C 204 26.18 -29.15 -2.78
C ALA C 204 27.54 -28.95 -2.13
N GLN C 205 28.37 -28.03 -2.67
CA GLN C 205 29.80 -27.98 -2.33
C GLN C 205 30.43 -26.59 -2.33
N THR C 206 29.78 -25.56 -2.87
CA THR C 206 30.33 -24.23 -2.83
C THR C 206 30.13 -23.68 -1.42
N GLU C 207 31.24 -23.22 -0.82
CA GLU C 207 31.24 -22.57 0.48
C GLU C 207 30.67 -21.15 0.35
N ALA C 208 29.68 -20.83 1.19
CA ALA C 208 29.16 -19.46 1.28
C ALA C 208 30.24 -18.54 1.88
N GLN C 209 30.06 -17.24 1.68
CA GLN C 209 31.01 -16.24 2.14
C GLN C 209 31.26 -16.39 3.65
N GLY C 210 32.54 -16.32 4.03
CA GLY C 210 32.96 -16.35 5.43
C GLY C 210 32.52 -17.62 6.16
N VAL C 211 32.85 -18.78 5.58
CA VAL C 211 32.60 -20.06 6.22
C VAL C 211 33.93 -20.75 6.47
N PRO C 212 34.22 -21.22 7.70
CA PRO C 212 35.50 -21.91 7.96
C PRO C 212 35.69 -23.16 7.10
N SER C 213 36.95 -23.45 6.77
CA SER C 213 37.27 -24.43 5.75
C SER C 213 37.04 -25.82 6.29
N ARG C 214 36.88 -25.95 7.60
CA ARG C 214 36.58 -27.25 8.18
C ARG C 214 35.20 -27.78 7.77
N PHE C 215 34.32 -26.90 7.24
CA PHE C 215 33.02 -27.28 6.68
C PHE C 215 33.17 -27.60 5.20
N SER C 216 32.67 -28.77 4.79
CA SER C 216 32.65 -29.13 3.39
C SER C 216 31.38 -29.93 3.06
N GLY C 217 30.90 -29.73 1.83
CA GLY C 217 29.74 -30.48 1.38
C GLY C 217 30.13 -31.34 0.19
N SER C 218 29.43 -32.46 0.02
CA SER C 218 29.59 -33.25 -1.19
C SER C 218 28.30 -33.98 -1.53
N GLY C 219 28.33 -34.67 -2.68
CA GLY C 219 27.22 -35.49 -3.12
C GLY C 219 26.50 -34.83 -4.28
N SER C 220 25.67 -35.65 -4.93
CA SER C 220 24.81 -35.25 -6.03
C SER C 220 23.71 -36.30 -6.15
N GLY C 221 22.64 -35.97 -6.88
CA GLY C 221 21.55 -36.92 -7.06
C GLY C 221 20.51 -36.84 -5.94
N THR C 222 20.59 -37.81 -5.01
CA THR C 222 19.66 -37.96 -3.91
C THR C 222 20.38 -37.97 -2.55
N ASP C 223 21.71 -38.07 -2.54
CA ASP C 223 22.48 -38.34 -1.34
C ASP C 223 23.52 -37.24 -1.13
N PHE C 224 23.44 -36.55 0.01
CA PHE C 224 24.31 -35.40 0.25
C PHE C 224 24.88 -35.47 1.66
N THR C 225 26.09 -34.95 1.85
CA THR C 225 26.68 -34.92 3.17
C THR C 225 27.31 -33.57 3.43
N LEU C 226 27.20 -33.16 4.70
CA LEU C 226 27.99 -32.08 5.27
C LEU C 226 28.99 -32.70 6.23
N THR C 227 30.26 -32.37 6.07
CA THR C 227 31.28 -32.88 6.95
C THR C 227 31.93 -31.71 7.68
N ILE C 228 32.09 -31.88 9.00
CA ILE C 228 32.89 -30.96 9.80
C ILE C 228 34.15 -31.72 10.20
N SER C 229 35.32 -31.28 9.70
CA SER C 229 36.53 -32.08 9.80
C SER C 229 37.03 -32.14 11.25
N SER C 230 36.79 -31.08 12.03
CA SER C 230 37.20 -31.03 13.43
C SER C 230 36.30 -30.06 14.19
N LEU C 231 35.44 -30.63 15.05
CA LEU C 231 34.35 -29.90 15.67
C LEU C 231 34.91 -28.93 16.71
N GLN C 232 34.54 -27.65 16.53
CA GLN C 232 34.90 -26.58 17.45
C GLN C 232 33.69 -26.23 18.32
N PRO C 233 33.91 -25.63 19.51
CA PRO C 233 32.81 -25.16 20.36
C PRO C 233 31.66 -24.41 19.69
N GLU C 234 31.96 -23.52 18.73
CA GLU C 234 30.90 -22.75 18.07
C GLU C 234 30.02 -23.63 17.16
N ASP C 235 30.46 -24.86 16.84
CA ASP C 235 29.81 -25.69 15.83
C ASP C 235 28.69 -26.57 16.40
N PHE C 236 28.55 -26.62 17.73
CA PHE C 236 27.43 -27.31 18.37
C PHE C 236 26.16 -26.51 18.10
N ALA C 237 25.30 -27.04 17.24
CA ALA C 237 24.23 -26.28 16.62
C ALA C 237 23.34 -27.24 15.85
N THR C 238 22.24 -26.73 15.29
CA THR C 238 21.40 -27.51 14.41
C THR C 238 21.77 -27.20 12.96
N TYR C 239 21.87 -28.25 12.13
CA TYR C 239 22.19 -28.12 10.72
C TYR C 239 20.97 -28.54 9.88
N TYR C 240 20.64 -27.75 8.85
CA TYR C 240 19.52 -28.03 7.97
C TYR C 240 20.04 -28.11 6.55
N CYS C 241 19.56 -29.07 5.77
CA CYS C 241 19.75 -29.04 4.32
C CYS C 241 18.48 -28.48 3.67
N GLN C 242 18.61 -28.05 2.42
CA GLN C 242 17.50 -27.53 1.64
C GLN C 242 17.77 -27.76 0.16
N HIS C 243 16.80 -28.28 -0.59
CA HIS C 243 16.99 -28.29 -2.02
C HIS C 243 16.77 -26.86 -2.50
N HIS C 244 17.53 -26.46 -3.53
CA HIS C 244 17.23 -25.22 -4.22
C HIS C 244 17.01 -25.49 -5.71
N TYR C 245 16.19 -26.50 -6.01
CA TYR C 245 15.93 -26.89 -7.39
C TYR C 245 14.91 -25.92 -7.99
N ASP C 246 13.67 -25.98 -7.52
CA ASP C 246 12.59 -25.09 -7.93
C ASP C 246 11.54 -25.04 -6.83
N SER C 247 10.68 -24.03 -6.84
CA SER C 247 9.70 -23.89 -5.78
C SER C 247 8.72 -25.04 -5.88
N PRO C 248 8.12 -25.55 -4.78
CA PRO C 248 8.35 -25.03 -3.42
C PRO C 248 9.68 -25.51 -2.84
N LEU C 249 10.30 -24.70 -1.98
CA LEU C 249 11.53 -25.14 -1.34
C LEU C 249 11.17 -25.92 -0.07
N THR C 250 11.89 -27.02 0.16
CA THR C 250 11.69 -27.79 1.37
C THR C 250 13.05 -28.03 2.01
N PHE C 251 13.01 -28.14 3.34
CA PHE C 251 14.19 -28.35 4.18
C PHE C 251 14.15 -29.73 4.78
N GLY C 252 15.32 -30.29 5.05
CA GLY C 252 15.38 -31.47 5.91
C GLY C 252 14.91 -31.13 7.31
N GLY C 253 14.58 -32.15 8.11
CA GLY C 253 14.12 -32.00 9.49
C GLY C 253 15.20 -31.58 10.48
N GLY C 254 16.48 -31.51 10.06
CA GLY C 254 17.56 -30.96 10.86
C GLY C 254 18.38 -32.06 11.56
N THR C 255 19.65 -31.73 11.85
CA THR C 255 20.46 -32.55 12.73
C THR C 255 21.03 -31.66 13.84
N LYS C 256 20.69 -31.99 15.08
CA LYS C 256 21.21 -31.28 16.25
C LYS C 256 22.53 -31.92 16.68
N VAL C 257 23.62 -31.15 16.60
CA VAL C 257 24.92 -31.59 17.06
C VAL C 257 25.15 -31.08 18.49
N GLU C 258 25.10 -31.99 19.45
CA GLU C 258 25.11 -31.71 20.87
C GLU C 258 26.43 -32.16 21.49
N ILE C 259 26.71 -31.67 22.70
CA ILE C 259 27.98 -31.94 23.36
C ILE C 259 27.87 -33.26 24.13
N LYS C 260 28.83 -34.16 23.91
CA LYS C 260 28.77 -35.44 24.60
C LYS C 260 28.98 -35.17 26.09
N LEU D 20 -0.98 19.92 43.48
CA LEU D 20 -2.11 19.90 42.51
C LEU D 20 -1.65 20.54 41.21
N PRO D 21 -2.26 20.18 40.05
CA PRO D 21 -1.92 20.77 38.75
C PRO D 21 -2.54 22.15 38.77
N ALA D 22 -2.01 23.04 37.94
CA ALA D 22 -2.68 24.30 37.68
C ALA D 22 -3.94 24.01 36.86
N LYS D 23 -5.02 24.74 37.20
CA LYS D 23 -6.29 24.63 36.51
C LYS D 23 -6.12 25.01 35.04
N PRO D 24 -6.42 24.09 34.09
CA PRO D 24 -6.44 24.44 32.67
C PRO D 24 -7.37 25.62 32.38
N GLU D 25 -7.00 26.42 31.39
CA GLU D 25 -7.69 27.66 31.06
C GLU D 25 -7.24 28.10 29.68
N ASN D 26 -7.87 29.14 29.14
CA ASN D 26 -7.65 29.58 27.77
C ASN D 26 -8.02 28.45 26.80
N ILE D 27 -9.10 27.72 27.06
CA ILE D 27 -9.51 26.67 26.14
C ILE D 27 -9.85 27.32 24.80
N SER D 28 -9.27 26.79 23.72
CA SER D 28 -9.55 27.28 22.38
C SER D 28 -9.74 26.12 21.41
N CYS D 29 -10.80 26.17 20.58
CA CYS D 29 -11.12 25.09 19.66
C CYS D 29 -11.18 25.56 18.20
N VAL D 30 -10.71 24.69 17.28
CA VAL D 30 -10.87 24.90 15.85
C VAL D 30 -11.33 23.59 15.21
N TYR D 31 -12.39 23.67 14.38
CA TYR D 31 -12.81 22.55 13.56
C TYR D 31 -12.32 22.77 12.14
N TYR D 32 -11.24 22.07 11.78
CA TYR D 32 -10.79 22.01 10.40
C TYR D 32 -11.74 21.04 9.68
N TYR D 33 -12.56 21.56 8.77
CA TYR D 33 -13.74 20.88 8.28
C TYR D 33 -13.36 19.52 7.69
N ARG D 34 -13.94 18.47 8.28
CA ARG D 34 -13.84 17.11 7.76
C ARG D 34 -12.39 16.67 7.82
N LYS D 35 -11.64 17.22 8.77
CA LYS D 35 -10.31 16.73 9.09
C LYS D 35 -10.28 16.44 10.59
N ASN D 36 -10.37 17.48 11.41
CA ASN D 36 -10.36 17.28 12.85
C ASN D 36 -10.86 18.52 13.59
N LEU D 37 -11.41 18.26 14.78
CA LEU D 37 -11.61 19.27 15.80
C LEU D 37 -10.41 19.21 16.74
N THR D 38 -9.71 20.34 16.90
CA THR D 38 -8.61 20.44 17.87
C THR D 38 -8.95 21.48 18.94
N CYS D 39 -8.75 21.09 20.20
CA CYS D 39 -8.88 22.02 21.29
C CYS D 39 -7.54 22.14 21.99
N THR D 40 -7.04 23.36 22.11
CA THR D 40 -5.83 23.63 22.88
C THR D 40 -6.19 24.43 24.14
N TRP D 41 -5.19 24.54 25.02
CA TRP D 41 -5.38 25.21 26.30
C TRP D 41 -4.03 25.49 26.96
N SER D 42 -4.03 26.44 27.88
CA SER D 42 -2.86 26.75 28.69
C SER D 42 -2.82 25.79 29.88
N PRO D 43 -1.84 24.86 29.93
CA PRO D 43 -1.86 23.79 30.94
C PRO D 43 -1.61 24.32 32.34
N GLY D 44 -0.61 25.21 32.49
CA GLY D 44 -0.23 25.78 33.77
C GLY D 44 1.15 25.29 34.22
N LYS D 45 1.37 25.26 35.55
CA LYS D 45 2.61 24.77 36.14
C LYS D 45 2.82 23.31 35.75
N GLU D 46 4.09 22.92 35.54
CA GLU D 46 4.44 21.58 35.09
C GLU D 46 5.10 20.82 36.24
N THR D 47 4.45 20.82 37.42
CA THR D 47 4.96 20.18 38.63
C THR D 47 4.58 18.71 38.65
N SER D 48 5.48 17.85 38.15
CA SER D 48 5.29 16.41 38.04
C SER D 48 4.42 16.07 36.82
N TYR D 49 4.44 14.79 36.42
CA TYR D 49 3.76 14.34 35.23
C TYR D 49 2.28 14.73 35.34
N THR D 50 1.72 15.23 34.23
CA THR D 50 0.31 15.61 34.15
C THR D 50 -0.35 14.92 32.97
N GLN D 51 -1.35 14.09 33.28
CA GLN D 51 -2.19 13.49 32.26
C GLN D 51 -3.45 14.34 32.10
N TYR D 52 -3.78 14.68 30.85
CA TYR D 52 -4.93 15.53 30.59
C TYR D 52 -6.01 14.68 29.91
N THR D 53 -7.26 14.94 30.29
CA THR D 53 -8.43 14.33 29.66
C THR D 53 -9.39 15.46 29.27
N VAL D 54 -9.66 15.58 27.96
CA VAL D 54 -10.63 16.53 27.44
C VAL D 54 -11.96 15.81 27.32
N LYS D 55 -12.92 16.19 28.18
CA LYS D 55 -14.26 15.64 28.15
C LYS D 55 -15.13 16.52 27.25
N ARG D 56 -15.69 15.92 26.20
CA ARG D 56 -16.56 16.62 25.28
C ARG D 56 -17.97 16.04 25.41
N THR D 57 -18.97 16.92 25.57
CA THR D 57 -20.36 16.54 25.35
C THR D 57 -20.82 17.21 24.05
N TYR D 58 -21.43 16.45 23.14
CA TYR D 58 -21.79 17.01 21.85
C TYR D 58 -23.18 16.49 21.43
N ALA D 59 -23.55 16.86 20.21
CA ALA D 59 -24.87 16.54 19.65
C ALA D 59 -25.96 17.04 20.61
N PHE D 60 -25.87 18.34 20.91
CA PHE D 60 -26.81 19.02 21.78
C PHE D 60 -27.01 18.21 23.05
N GLY D 61 -25.90 17.69 23.60
CA GLY D 61 -25.91 17.10 24.93
C GLY D 61 -26.20 15.60 24.96
N GLU D 62 -26.33 14.96 23.79
CA GLU D 62 -26.82 13.59 23.76
C GLU D 62 -25.68 12.58 23.59
N LYS D 63 -24.45 13.02 23.25
CA LYS D 63 -23.30 12.13 23.05
C LYS D 63 -22.08 12.66 23.81
N HIS D 64 -21.13 11.77 24.11
CA HIS D 64 -19.97 12.08 24.93
C HIS D 64 -18.71 11.52 24.24
N ASP D 65 -17.62 12.29 24.23
CA ASP D 65 -16.34 11.82 23.72
C ASP D 65 -15.30 12.29 24.73
N ASN D 66 -14.05 11.84 24.56
CA ASN D 66 -12.90 12.39 25.26
C ASN D 66 -11.66 12.10 24.43
N CYS D 67 -10.60 12.90 24.62
CA CYS D 67 -9.26 12.55 24.18
C CYS D 67 -8.28 12.84 25.30
N THR D 68 -7.09 12.25 25.21
CA THR D 68 -6.07 12.41 26.22
C THR D 68 -4.73 12.76 25.57
N THR D 69 -3.85 13.35 26.40
CA THR D 69 -2.50 13.80 26.04
C THR D 69 -1.71 13.98 27.33
N ASN D 70 -0.40 14.26 27.21
CA ASN D 70 0.49 14.34 28.37
C ASN D 70 1.59 15.39 28.13
N SER D 71 2.53 15.49 29.08
CA SER D 71 3.63 16.44 29.02
C SER D 71 4.98 15.70 29.15
N ARG D 77 1.49 25.14 24.99
CA ARG D 77 0.05 24.75 24.90
C ARG D 77 -0.06 23.25 24.67
N ALA D 78 -0.99 22.60 25.40
CA ALA D 78 -1.28 21.19 25.23
C ALA D 78 -2.48 21.03 24.29
N SER D 79 -2.61 19.85 23.68
CA SER D 79 -3.44 19.71 22.49
C SER D 79 -4.10 18.33 22.41
N CYS D 80 -5.30 18.34 21.83
CA CYS D 80 -6.15 17.19 21.86
C CYS D 80 -7.14 17.31 20.72
N SER D 81 -7.44 16.19 20.05
CA SER D 81 -8.10 16.20 18.76
C SER D 81 -9.24 15.18 18.71
N PHE D 82 -10.34 15.57 18.05
CA PHE D 82 -11.47 14.68 17.83
C PHE D 82 -11.67 14.51 16.33
N PHE D 83 -12.31 13.41 15.94
CA PHE D 83 -12.40 13.03 14.54
C PHE D 83 -13.81 12.57 14.19
N LEU D 84 -14.12 12.62 12.90
CA LEU D 84 -15.28 11.91 12.37
C LEU D 84 -15.11 10.42 12.66
N PRO D 85 -16.20 9.65 12.89
CA PRO D 85 -17.58 10.16 12.83
C PRO D 85 -18.16 10.75 14.11
N ARG D 86 -17.33 11.28 15.01
CA ARG D 86 -17.84 11.75 16.29
C ARG D 86 -17.91 13.27 16.28
N ILE D 87 -18.41 13.80 15.16
CA ILE D 87 -18.58 15.22 14.95
C ILE D 87 -19.84 15.40 14.13
N THR D 88 -20.77 16.21 14.62
CA THR D 88 -21.92 16.61 13.84
C THR D 88 -21.90 18.14 13.73
N ILE D 89 -22.44 18.65 12.62
CA ILE D 89 -22.52 20.09 12.38
C ILE D 89 -23.83 20.40 11.67
N PRO D 90 -24.64 21.39 12.11
CA PRO D 90 -24.30 22.26 13.26
C PRO D 90 -24.28 21.54 14.60
N ASP D 91 -23.67 22.16 15.63
CA ASP D 91 -23.69 21.58 16.96
C ASP D 91 -23.36 22.61 18.05
N ASN D 92 -24.02 22.46 19.21
CA ASN D 92 -23.62 23.05 20.49
C ASN D 92 -22.97 21.99 21.35
N TYR D 93 -21.69 22.17 21.69
CA TYR D 93 -21.00 21.17 22.48
C TYR D 93 -20.28 21.87 23.62
N THR D 94 -19.87 21.08 24.63
CA THR D 94 -19.06 21.60 25.72
C THR D 94 -17.74 20.86 25.79
N ILE D 95 -16.74 21.55 26.38
CA ILE D 95 -15.42 21.01 26.64
C ILE D 95 -15.05 21.27 28.10
N GLU D 96 -14.42 20.27 28.71
CA GLU D 96 -13.89 20.38 30.05
C GLU D 96 -12.55 19.65 30.06
N VAL D 97 -11.48 20.35 30.45
CA VAL D 97 -10.16 19.73 30.52
C VAL D 97 -9.90 19.33 31.97
N GLU D 98 -9.65 18.03 32.20
CA GLU D 98 -9.16 17.54 33.48
C GLU D 98 -7.65 17.36 33.39
N ALA D 99 -6.94 17.83 34.43
CA ALA D 99 -5.52 17.61 34.61
C ALA D 99 -5.29 16.78 35.87
N GLU D 100 -4.42 15.76 35.77
CA GLU D 100 -4.15 14.90 36.91
C GLU D 100 -2.65 14.78 37.09
N ASN D 101 -2.21 14.88 38.35
CA ASN D 101 -0.86 14.56 38.78
C ASN D 101 -0.95 13.69 40.03
N GLY D 102 0.15 13.63 40.79
CA GLY D 102 0.23 12.81 42.00
C GLY D 102 -0.68 13.32 43.10
N ASP D 103 -0.75 14.65 43.27
CA ASP D 103 -1.59 15.28 44.27
C ASP D 103 -3.05 14.91 43.99
N GLY D 104 -3.51 15.12 42.75
CA GLY D 104 -4.83 14.69 42.32
C GLY D 104 -5.33 15.46 41.10
N VAL D 105 -6.62 15.27 40.79
CA VAL D 105 -7.19 15.76 39.54
C VAL D 105 -7.74 17.18 39.74
N ILE D 106 -7.76 17.98 38.67
CA ILE D 106 -8.37 19.30 38.70
C ILE D 106 -9.07 19.55 37.35
N LYS D 107 -10.26 20.15 37.42
CA LYS D 107 -11.09 20.43 36.25
C LYS D 107 -10.97 21.90 35.89
N SER D 108 -11.12 22.21 34.60
CA SER D 108 -11.28 23.58 34.16
C SER D 108 -12.73 24.00 34.35
N HIS D 109 -13.01 25.29 34.09
CA HIS D 109 -14.38 25.74 33.88
C HIS D 109 -14.90 25.07 32.61
N MET D 110 -16.20 24.72 32.63
CA MET D 110 -16.88 24.20 31.45
C MET D 110 -16.91 25.31 30.39
N THR D 111 -16.54 24.99 29.14
CA THR D 111 -16.69 25.96 28.07
C THR D 111 -17.74 25.45 27.08
N TYR D 112 -18.37 26.39 26.36
CA TYR D 112 -19.55 26.14 25.55
C TYR D 112 -19.27 26.67 24.17
N TRP D 113 -19.60 25.85 23.13
CA TRP D 113 -19.15 26.09 21.76
C TRP D 113 -20.25 25.81 20.74
N ARG D 114 -20.19 26.52 19.61
CA ARG D 114 -20.93 26.16 18.41
C ARG D 114 -19.90 25.78 17.35
N LEU D 115 -19.96 24.52 16.86
CA LEU D 115 -18.94 24.02 15.95
C LEU D 115 -18.90 24.87 14.68
N GLU D 116 -20.06 25.25 14.16
CA GLU D 116 -20.13 26.07 12.96
C GLU D 116 -19.42 27.41 13.16
N ASN D 117 -19.26 27.86 14.40
CA ASN D 117 -18.62 29.16 14.64
C ASN D 117 -17.11 29.06 14.58
N ILE D 118 -16.55 27.84 14.68
CA ILE D 118 -15.11 27.65 14.67
C ILE D 118 -14.70 26.75 13.50
N ALA D 119 -15.60 26.62 12.53
CA ALA D 119 -15.38 25.80 11.34
C ALA D 119 -14.48 26.55 10.38
N LYS D 120 -13.32 25.96 10.05
CA LYS D 120 -12.42 26.54 9.07
C LYS D 120 -12.29 25.63 7.85
N THR D 121 -12.49 26.20 6.67
CA THR D 121 -12.30 25.49 5.43
C THR D 121 -10.94 25.85 4.83
N GLU D 122 -10.55 25.10 3.80
CA GLU D 122 -9.41 25.45 2.96
C GLU D 122 -9.84 26.53 1.97
N PRO D 123 -8.88 27.19 1.27
CA PRO D 123 -9.21 28.28 0.35
C PRO D 123 -10.02 27.84 -0.87
N PRO D 124 -10.81 28.74 -1.49
CA PRO D 124 -11.40 28.47 -2.78
C PRO D 124 -10.27 28.55 -3.79
N LYS D 125 -10.61 28.30 -5.07
CA LYS D 125 -9.65 28.37 -6.17
C LYS D 125 -10.32 29.13 -7.30
N ILE D 126 -9.77 30.31 -7.58
CA ILE D 126 -10.22 31.12 -8.70
C ILE D 126 -9.74 30.44 -9.98
N PHE D 127 -10.64 30.30 -10.95
CA PHE D 127 -10.23 29.74 -12.22
C PHE D 127 -10.53 30.69 -13.39
N ARG D 128 -11.26 31.78 -13.16
CA ARG D 128 -11.45 32.75 -14.22
C ARG D 128 -11.53 34.15 -13.62
N VAL D 129 -10.84 35.11 -14.27
CA VAL D 129 -10.78 36.51 -13.90
C VAL D 129 -10.78 37.32 -15.19
N LYS D 130 -11.97 37.67 -15.71
CA LYS D 130 -12.09 38.30 -17.01
C LYS D 130 -13.35 39.18 -17.03
N PRO D 131 -13.36 40.34 -17.72
CA PRO D 131 -14.59 41.12 -17.89
C PRO D 131 -15.69 40.33 -18.56
N VAL D 132 -16.95 40.69 -18.29
CA VAL D 132 -18.05 40.29 -19.13
C VAL D 132 -17.91 41.13 -20.39
N LEU D 133 -18.15 40.50 -21.55
CA LEU D 133 -17.84 41.09 -22.84
C LEU D 133 -18.58 42.41 -23.01
N GLY D 134 -17.81 43.49 -23.26
CA GLY D 134 -18.34 44.82 -23.52
C GLY D 134 -18.60 45.64 -22.25
N ILE D 135 -18.41 45.04 -21.07
CA ILE D 135 -18.80 45.68 -19.81
C ILE D 135 -17.57 46.34 -19.18
N LYS D 136 -17.67 47.66 -18.97
CA LYS D 136 -16.54 48.47 -18.57
C LYS D 136 -16.38 48.49 -17.05
N ARG D 137 -15.13 48.81 -16.63
CA ARG D 137 -14.76 49.14 -15.25
C ARG D 137 -15.19 48.01 -14.30
N MET D 138 -14.94 46.76 -14.73
CA MET D 138 -15.34 45.61 -13.96
C MET D 138 -14.65 44.33 -14.43
N ILE D 139 -14.46 43.41 -13.48
CA ILE D 139 -13.96 42.09 -13.76
C ILE D 139 -14.93 41.09 -13.12
N GLN D 140 -15.17 39.97 -13.80
CA GLN D 140 -15.93 38.88 -13.20
C GLN D 140 -14.99 37.75 -12.76
N ILE D 141 -15.14 37.36 -11.49
CA ILE D 141 -14.33 36.30 -10.90
C ILE D 141 -15.18 35.03 -10.78
N GLU D 142 -14.63 33.91 -11.23
CA GLU D 142 -15.28 32.62 -11.04
C GLU D 142 -14.31 31.70 -10.30
N TRP D 143 -14.85 30.93 -9.35
CA TRP D 143 -14.05 30.06 -8.51
C TRP D 143 -14.77 28.74 -8.27
N ILE D 144 -14.04 27.78 -7.69
CA ILE D 144 -14.62 26.56 -7.16
C ILE D 144 -14.40 26.55 -5.65
N LYS D 145 -15.35 25.96 -4.94
CA LYS D 145 -15.26 25.83 -3.50
C LYS D 145 -14.06 24.97 -3.14
N PRO D 146 -13.54 25.05 -1.90
CA PRO D 146 -12.52 24.11 -1.47
C PRO D 146 -13.03 22.68 -1.66
N GLU D 147 -12.11 21.72 -1.80
CA GLU D 147 -12.46 20.33 -2.08
C GLU D 147 -13.39 19.79 -0.98
N LEU D 148 -13.12 20.10 0.29
CA LEU D 148 -14.01 19.81 1.39
C LEU D 148 -14.79 21.05 1.81
N ALA D 149 -16.11 21.05 1.58
CA ALA D 149 -16.96 22.21 1.82
C ALA D 149 -18.34 21.77 2.27
N PRO D 150 -18.86 22.30 3.38
CA PRO D 150 -20.20 21.92 3.84
C PRO D 150 -21.33 22.46 2.99
N VAL D 151 -21.94 21.60 2.16
CA VAL D 151 -22.99 21.98 1.23
C VAL D 151 -24.22 22.54 1.97
N SER D 152 -24.34 22.24 3.26
CA SER D 152 -25.53 22.60 4.02
C SER D 152 -25.47 24.02 4.58
N SER D 153 -24.32 24.70 4.50
CA SER D 153 -24.16 26.02 5.09
C SER D 153 -24.08 27.11 4.01
N ASP D 154 -24.53 28.34 4.36
CA ASP D 154 -24.31 29.53 3.54
C ASP D 154 -22.86 29.99 3.68
N LEU D 155 -22.27 30.49 2.58
CA LEU D 155 -20.87 30.89 2.60
C LEU D 155 -20.78 32.40 2.56
N LYS D 156 -19.73 32.88 3.21
CA LYS D 156 -19.32 34.25 3.08
C LYS D 156 -17.91 34.25 2.50
N TYR D 157 -17.57 35.37 1.85
CA TYR D 157 -16.32 35.51 1.14
C TYR D 157 -15.78 36.93 1.30
N THR D 158 -14.45 37.04 1.29
CA THR D 158 -13.76 38.30 1.04
C THR D 158 -12.94 38.13 -0.24
N LEU D 159 -13.03 39.13 -1.11
CA LEU D 159 -12.25 39.25 -2.32
C LEU D 159 -11.29 40.41 -2.13
N ARG D 160 -9.98 40.12 -2.18
CA ARG D 160 -8.94 41.13 -2.04
C ARG D 160 -8.46 41.52 -3.44
N PHE D 161 -8.18 42.80 -3.68
CA PHE D 161 -7.73 43.16 -5.01
C PHE D 161 -6.87 44.41 -4.99
N ARG D 162 -5.98 44.52 -5.98
CA ARG D 162 -5.07 45.64 -6.11
C ARG D 162 -4.62 45.72 -7.56
N THR D 163 -4.27 46.93 -8.00
CA THR D 163 -3.60 47.11 -9.29
C THR D 163 -2.17 46.58 -9.15
N VAL D 164 -1.52 46.31 -10.29
CA VAL D 164 -0.23 45.65 -10.28
C VAL D 164 0.77 46.58 -9.62
N ASN D 165 0.56 47.89 -9.82
CA ASN D 165 1.31 48.94 -9.14
C ASN D 165 1.30 48.76 -7.62
N SER D 166 0.09 48.58 -7.06
CA SER D 166 -0.19 48.94 -5.67
C SER D 166 0.61 48.10 -4.69
N THR D 167 1.01 48.74 -3.59
CA THR D 167 1.56 48.03 -2.44
C THR D 167 0.46 47.75 -1.42
N SER D 168 -0.82 47.93 -1.78
CA SER D 168 -1.89 47.85 -0.80
C SER D 168 -3.15 47.27 -1.42
N TRP D 169 -3.85 46.49 -0.59
CA TRP D 169 -5.04 45.75 -0.97
C TRP D 169 -6.30 46.55 -0.67
N MET D 170 -7.29 46.42 -1.55
CA MET D 170 -8.67 46.75 -1.26
C MET D 170 -9.45 45.44 -1.10
N GLU D 171 -10.54 45.47 -0.32
CA GLU D 171 -11.29 44.28 0.06
C GLU D 171 -12.79 44.57 -0.08
N VAL D 172 -13.55 43.57 -0.51
CA VAL D 172 -15.00 43.64 -0.51
C VAL D 172 -15.51 42.30 -0.01
N ASN D 173 -16.61 42.34 0.76
CA ASN D 173 -17.21 41.13 1.28
C ASN D 173 -18.47 40.85 0.47
N PHE D 174 -18.83 39.57 0.37
CA PHE D 174 -20.12 39.22 -0.19
C PHE D 174 -20.50 37.85 0.36
N ALA D 175 -21.77 37.50 0.15
CA ALA D 175 -22.28 36.22 0.62
C ALA D 175 -22.97 35.50 -0.54
N LYS D 176 -23.03 34.17 -0.42
CA LYS D 176 -23.75 33.31 -1.33
C LYS D 176 -24.66 32.40 -0.51
N ASN D 177 -25.92 32.35 -0.91
CA ASN D 177 -26.83 31.40 -0.32
C ASN D 177 -26.33 29.98 -0.62
N ARG D 178 -26.58 29.05 0.32
CA ARG D 178 -26.27 27.64 0.13
C ARG D 178 -26.95 27.10 -1.14
N LYS D 179 -28.19 27.51 -1.39
CA LYS D 179 -28.94 27.07 -2.56
C LYS D 179 -28.41 27.71 -3.84
N ASP D 180 -27.59 28.76 -3.73
CA ASP D 180 -27.09 29.50 -4.88
C ASP D 180 -25.90 28.76 -5.49
N LYS D 181 -26.02 28.43 -6.78
CA LYS D 181 -25.03 27.64 -7.47
C LYS D 181 -24.10 28.53 -8.29
N ASN D 182 -24.43 29.82 -8.40
CA ASN D 182 -23.66 30.74 -9.23
C ASN D 182 -22.42 31.20 -8.44
N GLN D 183 -21.25 30.70 -8.86
CA GLN D 183 -19.99 30.94 -8.18
C GLN D 183 -19.16 31.93 -8.98
N THR D 184 -19.78 33.09 -9.26
CA THR D 184 -19.13 34.24 -9.87
C THR D 184 -19.40 35.47 -9.01
N TYR D 185 -18.59 36.51 -9.22
CA TYR D 185 -18.81 37.78 -8.56
C TYR D 185 -18.36 38.89 -9.51
N ASN D 186 -19.17 39.95 -9.59
CA ASN D 186 -18.85 41.11 -10.40
C ASN D 186 -18.20 42.17 -9.50
N LEU D 187 -16.87 42.27 -9.60
CA LEU D 187 -16.11 43.34 -9.01
C LEU D 187 -16.21 44.57 -9.92
N THR D 188 -16.82 45.65 -9.40
CA THR D 188 -17.10 46.86 -10.16
C THR D 188 -16.29 48.03 -9.62
N GLY D 189 -16.42 49.18 -10.32
CA GLY D 189 -15.80 50.41 -9.90
C GLY D 189 -14.29 50.39 -10.11
N LEU D 190 -13.81 49.60 -11.08
CA LEU D 190 -12.39 49.48 -11.34
C LEU D 190 -11.97 50.53 -12.35
N GLN D 191 -10.66 50.73 -12.47
CA GLN D 191 -10.10 51.62 -13.47
C GLN D 191 -10.19 51.00 -14.87
N PRO D 192 -10.45 51.78 -15.94
CA PRO D 192 -10.36 51.26 -17.31
C PRO D 192 -8.99 50.66 -17.59
N PHE D 193 -8.98 49.60 -18.42
CA PHE D 193 -7.78 49.01 -19.03
C PHE D 193 -6.64 48.93 -18.02
N THR D 194 -6.95 48.30 -16.87
CA THR D 194 -6.00 48.15 -15.79
C THR D 194 -5.94 46.67 -15.40
N GLU D 195 -4.75 46.20 -15.02
CA GLU D 195 -4.55 44.84 -14.55
C GLU D 195 -4.79 44.84 -13.05
N TYR D 196 -5.51 43.83 -12.56
CA TYR D 196 -5.74 43.65 -11.13
C TYR D 196 -5.23 42.29 -10.68
N VAL D 197 -4.67 42.23 -9.47
CA VAL D 197 -4.30 40.97 -8.83
C VAL D 197 -5.36 40.69 -7.78
N ILE D 198 -5.84 39.44 -7.71
CA ILE D 198 -7.05 39.14 -7.00
C ILE D 198 -6.85 37.89 -6.15
N ALA D 199 -7.46 37.88 -4.97
CA ALA D 199 -7.49 36.69 -4.15
C ALA D 199 -8.80 36.61 -3.36
N LEU D 200 -9.19 35.38 -3.03
CA LEU D 200 -10.49 35.08 -2.49
C LEU D 200 -10.32 34.18 -1.28
N ARG D 201 -11.15 34.42 -0.26
CA ARG D 201 -11.23 33.50 0.87
C ARG D 201 -12.69 33.33 1.23
N CYS D 202 -12.96 32.24 1.97
CA CYS D 202 -14.34 31.90 2.30
C CYS D 202 -14.39 31.34 3.72
N ALA D 203 -15.63 31.27 4.22
CA ALA D 203 -15.91 30.59 5.47
C ALA D 203 -17.41 30.33 5.54
N VAL D 204 -17.82 29.43 6.41
CA VAL D 204 -19.25 29.28 6.63
C VAL D 204 -19.73 30.57 7.28
N LYS D 205 -20.98 30.95 6.99
CA LYS D 205 -21.57 32.21 7.42
C LYS D 205 -21.30 32.45 8.91
N GLU D 206 -21.47 31.42 9.74
CA GLU D 206 -21.48 31.58 11.18
C GLU D 206 -20.06 31.62 11.77
N SER D 207 -19.03 31.49 10.94
CA SER D 207 -17.71 31.16 11.48
C SER D 207 -16.82 32.39 11.55
N LYS D 208 -15.97 32.43 12.57
CA LYS D 208 -15.02 33.51 12.71
C LYS D 208 -13.64 33.13 12.18
N PHE D 209 -13.52 31.97 11.52
CA PHE D 209 -12.21 31.58 11.02
C PHE D 209 -12.27 31.51 9.49
N TRP D 210 -11.74 32.55 8.86
CA TRP D 210 -11.59 32.62 7.42
C TRP D 210 -10.61 31.54 6.95
N SER D 211 -10.79 31.07 5.71
CA SER D 211 -9.76 30.30 5.03
C SER D 211 -8.56 31.20 4.79
N ASP D 212 -7.37 30.61 4.63
CA ASP D 212 -6.28 31.34 4.01
C ASP D 212 -6.76 31.92 2.68
N TRP D 213 -5.98 32.85 2.14
CA TRP D 213 -6.26 33.40 0.84
C TRP D 213 -5.98 32.33 -0.20
N SER D 214 -6.83 32.28 -1.23
CA SER D 214 -6.54 31.52 -2.42
C SER D 214 -5.22 31.98 -3.03
N GLN D 215 -4.71 31.19 -3.97
CA GLN D 215 -3.68 31.66 -4.87
C GLN D 215 -4.21 32.90 -5.59
N GLU D 216 -3.28 33.82 -5.87
CA GLU D 216 -3.59 35.05 -6.56
C GLU D 216 -3.81 34.77 -8.04
N LYS D 217 -4.71 35.54 -8.66
CA LYS D 217 -4.94 35.43 -10.09
C LYS D 217 -5.12 36.86 -10.64
N MET D 218 -4.61 37.09 -11.86
CA MET D 218 -4.61 38.41 -12.46
C MET D 218 -5.67 38.48 -13.55
N GLY D 219 -6.21 39.67 -13.77
CA GLY D 219 -7.14 39.95 -14.84
C GLY D 219 -7.03 41.42 -15.22
N MET D 220 -7.77 41.84 -16.26
CA MET D 220 -7.64 43.18 -16.79
C MET D 220 -9.01 43.67 -17.25
N THR D 221 -9.32 44.94 -16.96
CA THR D 221 -10.55 45.56 -17.42
C THR D 221 -10.40 45.85 -18.92
N GLU D 222 -11.53 45.99 -19.61
CA GLU D 222 -11.56 46.38 -21.01
C GLU D 222 -11.19 47.87 -21.11
N GLU D 223 -11.08 48.40 -22.34
CA GLU D 223 -10.86 49.81 -22.59
C GLU D 223 -12.18 50.55 -22.46
N GLY D 224 -12.12 51.83 -22.10
CA GLY D 224 -13.26 52.72 -22.22
C GLY D 224 -14.16 52.69 -20.98
N THR D 225 -15.30 53.38 -21.11
CA THR D 225 -16.14 53.75 -19.98
C THR D 225 -17.60 53.44 -20.31
N SER D 226 -18.04 53.71 -21.55
CA SER D 226 -19.38 53.36 -22.00
C SER D 226 -19.47 51.86 -22.30
N ASP D 227 -20.56 51.23 -21.85
CA ASP D 227 -20.82 49.82 -22.09
C ASP D 227 -21.21 49.62 -23.56
N GLU D 228 -20.65 48.58 -24.18
CA GLU D 228 -20.89 48.28 -25.59
C GLU D 228 -21.14 46.76 -25.72
C1 NAG E . -5.91 18.75 12.35
C2 NAG E . -4.55 18.09 12.53
C3 NAG E . -3.46 19.13 12.37
C4 NAG E . -3.62 19.88 11.05
C5 NAG E . -5.02 20.49 11.01
C6 NAG E . -5.36 21.29 9.77
C7 NAG E . -4.50 16.07 13.97
C8 NAG E . -4.16 15.53 15.33
N2 NAG E . -4.41 17.41 13.80
O3 NAG E . -2.18 18.49 12.47
O4 NAG E . -2.63 20.90 10.97
O5 NAG E . -5.96 19.41 11.09
O6 NAG E . -4.93 20.68 8.58
O7 NAG E . -4.84 15.33 13.06
H1 NAG E . -6.03 19.43 13.06
H2 NAG E . -4.45 17.43 11.81
H3 NAG E . -3.55 19.78 13.10
H4 NAG E . -3.52 19.25 10.29
H5 NAG E . -5.13 21.06 11.80
H61 NAG E . -4.95 22.18 9.84
H62 NAG E . -6.33 21.41 9.72
H81 NAG E . -4.20 16.33 15.92
H82 NAG E . -3.35 15.15 15.28
H83 NAG E . -4.91 14.96 15.54
HN2 NAG E . -4.24 17.89 14.51
HO3 NAG E . -1.61 19.19 12.52
HO6 NAG E . -5.34 19.95 8.44
C1 NAG E . -1.69 20.85 9.94
C2 NAG E . -1.10 22.25 9.69
C3 NAG E . 0.04 22.12 8.67
C4 NAG E . 1.06 21.13 9.21
C5 NAG E . 0.38 19.78 9.34
C6 NAG E . 1.29 18.67 9.79
C7 NAG E . -2.62 24.18 10.13
C8 NAG E . -3.67 25.09 9.56
N2 NAG E . -2.07 23.26 9.31
O3 NAG E . 0.63 23.36 8.35
O4 NAG E . 2.19 21.06 8.33
O5 NAG E . -0.68 19.91 10.32
O6 NAG E . 1.72 18.89 11.13
O7 NAG E . -2.27 24.27 11.31
H1 NAG E . -2.13 20.53 9.11
H2 NAG E . -0.69 22.54 10.54
H3 NAG E . -0.35 21.74 7.84
H4 NAG E . 1.36 21.43 10.10
H5 NAG E . -0.02 19.53 8.46
H61 NAG E . 2.07 18.62 9.21
H62 NAG E . 0.81 17.82 9.74
H81 NAG E . -4.05 24.61 8.79
H82 NAG E . -3.44 25.89 9.51
H83 NAG E . -4.49 24.97 10.27
HN2 NAG E . -2.32 23.28 8.46
HO3 NAG E . 1.17 23.31 7.75
HO4 NAG E . 2.02 20.84 7.65
HO6 NAG E . 1.16 18.90 11.62
C1 NAG F . 13.21 -5.81 -19.00
C2 NAG F . 11.80 -5.26 -19.16
C3 NAG F . 11.79 -4.17 -20.21
C4 NAG F . 12.82 -3.10 -19.88
C5 NAG F . 14.18 -3.75 -19.74
C6 NAG F . 15.29 -2.79 -19.38
C7 NAG F . 9.97 -6.81 -18.59
C8 NAG F . 8.86 -7.66 -19.13
N2 NAG F . 10.80 -6.25 -19.47
O3 NAG F . 10.48 -3.60 -20.30
O4 NAG F . 12.82 -2.13 -20.93
O5 NAG F . 14.13 -4.74 -18.70
O6 NAG F . 15.08 -2.20 -18.11
O7 NAG F . 10.13 -6.66 -17.39
H1 NAG F . 13.50 -6.23 -19.86
H2 NAG F . 11.55 -4.84 -18.30
H3 NAG F . 12.03 -4.57 -21.09
H4 NAG F . 12.57 -2.66 -19.03
H5 NAG F . 14.41 -4.20 -20.59
H61 NAG F . 15.33 -2.08 -20.07
H62 NAG F . 16.14 -3.27 -19.39
H81 NAG F . 9.08 -7.87 -20.05
H82 NAG F . 8.06 -7.16 -19.07
H83 NAG F . 8.82 -8.47 -18.61
HN2 NAG F . 10.73 -6.51 -20.31
HO3 NAG F . 10.48 -3.10 -20.94
HO4 NAG F . 13.12 -2.55 -21.64
HO6 NAG F . 14.92 -2.63 -17.49
C1 NAG G . 29.35 -23.56 -21.30
C2 NAG G . 30.25 -24.69 -20.82
C3 NAG G . 31.71 -24.48 -21.23
C4 NAG G . 31.89 -23.91 -22.62
C5 NAG G . 30.96 -22.72 -22.83
C6 NAG G . 31.01 -22.17 -24.23
C7 NAG G . 29.93 -25.73 -18.56
C8 NAG G . 30.17 -25.51 -17.10
N2 NAG G . 30.21 -24.70 -19.37
O3 NAG G . 32.41 -25.73 -21.13
O4 NAG G . 33.24 -23.47 -22.73
O5 NAG G . 29.62 -23.19 -22.66
O6 NAG G . 30.45 -23.12 -25.11
O7 NAG G . 29.46 -26.78 -18.99
H1 NAG G . 29.48 -22.77 -20.73
H2 NAG G . 29.92 -25.55 -21.17
H3 NAG G . 32.12 -23.85 -20.58
H4 NAG G . 31.71 -24.60 -23.31
H5 NAG G . 31.17 -22.01 -22.17
H61 NAG G . 31.94 -21.98 -24.49
H62 NAG G . 30.50 -21.32 -24.28
H81 NAG G . 30.13 -24.71 -16.91
H82 NAG G . 30.78 -26.16 -16.82
H83 NAG G . 29.20 -25.98 -16.69
HN2 NAG G . 30.40 -23.94 -18.96
HO3 NAG G . 33.21 -25.58 -21.18
HO4 NAG G . 33.42 -22.91 -22.22
HO6 NAG G . 29.84 -23.49 -24.93
C1 NAG H . -27.51 26.08 20.55
C2 NAG H . -29.01 25.86 20.75
C3 NAG H . -29.80 27.04 20.22
C4 NAG H . -29.29 28.35 20.79
C5 NAG H . -27.78 28.47 20.61
C6 NAG H . -27.23 29.72 21.28
C7 NAG H . -30.26 23.79 20.78
C8 NAG H . -31.48 23.30 20.06
N2 NAG H . -29.50 24.66 20.13
O3 NAG H . -31.17 26.84 20.54
O4 NAG H . -29.90 29.43 20.10
O5 NAG H . -27.12 27.31 21.15
O6 NAG H . -26.02 29.49 21.99
O7 NAG H . -29.97 23.40 21.91
H1 NAG H . -27.33 26.13 19.57
H2 NAG H . -29.17 25.80 21.73
H3 NAG H . -29.70 27.06 19.23
H4 NAG H . -29.51 28.41 21.75
H5 NAG H . -27.59 28.53 19.63
H61 NAG H . -27.90 30.06 21.91
H62 NAG H . -27.08 30.41 20.61
H81 NAG H . -31.15 23.10 19.12
H82 NAG H . -32.12 23.22 20.37
H83 NAG H . -31.14 21.99 20.25
HN2 NAG H . -29.30 24.51 19.29
HO3 NAG H . -31.67 27.39 20.22
HO4 NAG H . -29.79 29.35 19.36
HO6 NAG H . -25.49 29.25 21.63
C1 NAG I . -4.46 32.78 29.67
C2 NAG I . -2.97 32.82 30.04
C3 NAG I . -2.63 34.12 30.76
C4 NAG I . -3.09 35.32 29.95
C5 NAG I . -4.59 35.21 29.71
C6 NAG I . -5.15 36.36 28.90
C7 NAG I . -1.39 30.98 30.67
C8 NAG I . -0.41 31.50 29.66
N2 NAG I . -2.53 31.68 30.83
O3 NAG I . -1.23 34.19 31.02
O4 NAG I . -2.80 36.52 30.66
O5 NAG I . -4.85 33.98 29.00
O6 NAG I . -4.80 36.28 27.53
O7 NAG I . -1.16 29.96 31.32
H1 NAG I . -5.01 32.68 30.50
H2 NAG I . -2.47 32.80 29.20
H3 NAG I . -3.11 34.12 31.63
H4 NAG I . -2.61 35.32 29.08
H5 NAG I . -5.05 35.17 30.59
H61 NAG I . -4.81 37.20 29.26
H62 NAG I . -6.12 36.36 28.98
H81 NAG I . -0.73 32.25 29.39
H82 NAG I . -0.48 30.73 29.03
H83 NAG I . 0.42 31.46 30.12
HN2 NAG I . -3.06 31.40 31.47
HO3 NAG I . -1.29 34.78 31.88
HO4 NAG I . -3.33 36.52 31.45
HO6 NAG I . -5.19 35.52 27.14
C5 A1H79 J . -17.81 32.47 23.72
C6 A1H79 J . -19.23 32.24 24.15
C8 A1H79 J . -16.79 30.55 22.40
C1 A1H79 J . -17.24 30.29 24.88
C2 A1H79 J . -16.08 29.41 25.28
O3 A1H79 J . -14.85 30.07 25.09
N4 A1H79 J . -16.93 31.22 23.74
O7 A1H79 J . -19.67 33.38 24.84
C9 A1H79 J . -18.07 30.19 21.67
S10 A1H79 J . -17.97 29.96 19.90
O11 A1H79 J . -18.48 28.64 19.63
O12 A1H79 J . -16.59 30.14 19.50
O13 A1H79 J . -18.88 30.99 19.32
H5A A1H79 J . -17.76 32.84 22.82
H5B A1H79 J . -17.39 33.13 24.31
H6A A1H79 J . -19.35 31.48 24.75
H6B A1H79 J . -19.81 32.12 23.37
H8B A1H79 J . -16.27 31.19 21.86
H8A A1H79 J . -16.22 29.76 22.54
H1B A1H79 J . -17.99 29.73 24.61
H1A A1H79 J . -17.53 30.82 25.66
H2B A1H79 J . -16.14 29.15 26.22
H2A A1H79 J . -16.07 28.59 24.74
H3 A1H79 J . -15.05 30.89 25.02
H7 A1H79 J . -19.03 34.11 24.76
H9B A1H79 J . -18.46 29.37 22.02
H9A A1H79 J . -18.72 30.91 21.79
H13 A1H79 J . -19.16 31.45 20.03
HN4 A1H79 J . -16.14 31.56 23.93
#